data_8D2Q
#
_entry.id   8D2Q
#
_cell.length_a   1.00
_cell.length_b   1.00
_cell.length_c   1.00
_cell.angle_alpha   90.00
_cell.angle_beta   90.00
_cell.angle_gamma   90.00
#
_symmetry.space_group_name_H-M   'P 1'
#
loop_
_entity.id
_entity.type
_entity.pdbx_description
1 polymer 'CRISPR-associated endonuclease, Csn1 family'
2 polymer 'Single Guide RNA (86-MER)'
3 polymer "DNA target strand (5'-D(P*CP*CP*AP*GP*GP*AP*TP*CP*TP*TP*G)-3')"
4 polymer "DNA target strand (5'-D(*AP*GP*CP*TP*TP*GP*GP*TP*GP*TP*AP*TP*A)-3')"
5 polymer "DNA non-target strand (5'-D(P*AP*TP*AP*CP*AP*CP*CP*AP*AP*GP*CP*T)-3')"
6 non-polymer 'MAGNESIUM ION'
7 water water
#
loop_
_entity_poly.entity_id
_entity_poly.type
_entity_poly.pdbx_seq_one_letter_code
_entity_poly.pdbx_strand_id
1 'polypeptide(L)'
;MGGSEVGTVPVTWRLGVDVGERSIGLAAVSYEEDKPKEILAAVSWIHDGGVGDERSGASRLALRGMARRARRLRRFRRAR
LRDLDMLLSELGWTPLPDKNVSPVDAWLARKRLAEEYVVDETERRRLLGYAVSHMARHRGWRNPWTTIKDLKNLPQPSDS
WERTRESLEARYSVSLEPGTVGQWAGYLLQRAPGIRLNPTQQSAGRRAELSNATAFETRLRQEDVLWELRCIADVQGLPE
DVVSNVIDAVFCQKRPSVPAERIGRDPLDPSQLRASRACLEFQEYRIVAAVANLRIRDGSGSRPLSLEERNAVIEALLAQ
TERSLTWSDIALEILKLPNESDLTSVPEEDGPSSLAYSQFAPFDETSARIAEFIAKNRRKIPTFAQWWQEQDRTSRSDLV
AALADNSIAGEEEQELLVHLPDAELEALEGLALPSGRVAYSRLTLSGLTRVMRDDGVDVHNARKTCFGVDDNWRPPLPAL
HEATGHPVVDRNLAILRKFLSSATMRWGPPQSIVVELARGASESRERQAEEEAARRAHRKANDRIRAELRASGLSDPSPA
DLVRARLLELYDCHCMYCGAPISWENSELDHIVPRTDGGSNRHENLAITCGACNKEKGRRPFASWAETSNRVQLRDVIDR
VQKLKYSGNMYWTRDEFSRYKKSVVARLKRRTSDPEVIQSIESTGYAAVALRDRLLSYGEKNGVAQVAVFRGGVTAEARR
WLDISIERLFSRVAIFAQSTSTKRLDRRHHAVDAVVLTTLTPGVAKTLADARSRRVSAEFWRRPSDVNRHSTEEPQSPAY
RQWKESCSGLGDLLISTAARDSIAVAAPLRLRPTGALHEETLRAFSEHTVGAAWKGAELRRIVEPEVYAAFLALTDPGGR
FLKVSPSEDVLPADENRHIVLSDRVLGPRDRVKLFPDDRGSIRVRGGAAYIASFHHARVFRWGSSHSPSFALLRVSLADL
AVAGLLRDGVDVFTAELPPWTPAWRYASIALVKAVESGDAKQVGWLVPGDELDFGPEGVTTAAGDLSMFLKYFPERHWVV
TGFEDDKRINLKPAFLSAEQAEVLRTERSDRPDTLTEAGEILAQFFPRCWRATVAKVLCHPGLTVIRRTALGQPRWRRGH
LPYSWRPWSADPWSGGTP
;
A
2 'polyribonucleotide'
;(GTP)GUAGGAUGGCAAGAUCCUGGUAUGCUGGGGAGCCUGAAAAGGCUACCUAGCAAGACCCCUUCGUGGGGUCGCAUU
CUUCACCCCCUCGCAGCAGCGAGGGGGUUC
;
B
3 'polydeoxyribonucleotide' (DC)(DC)(DA)(DG)(DG)(DA)(DT)(DC)(DT)(DT)(DG) T
4 'polydeoxyribonucleotide' (DA)(DG)(DC)(DT)(DT)(DG)(DG)(DT)(DG)(DT)(DA)(DT)(DA) X
5 'polydeoxyribonucleotide' (DA)(DT)(DA)(DC)(DA)(DC)(DC)(DA)(DA)(DG)(DC)(DT) D
#
loop_
_chem_comp.id
_chem_comp.type
_chem_comp.name
_chem_comp.formula
A RNA linking ADENOSINE-5'-MONOPHOSPHATE 'C10 H14 N5 O7 P'
C RNA linking CYTIDINE-5'-MONOPHOSPHATE 'C9 H14 N3 O8 P'
DA DNA linking 2'-DEOXYADENOSINE-5'-MONOPHOSPHATE 'C10 H14 N5 O6 P'
DC DNA linking 2'-DEOXYCYTIDINE-5'-MONOPHOSPHATE 'C9 H14 N3 O7 P'
DG DNA linking 2'-DEOXYGUANOSINE-5'-MONOPHOSPHATE 'C10 H14 N5 O7 P'
DT DNA linking THYMIDINE-5'-MONOPHOSPHATE 'C10 H15 N2 O8 P'
G RNA linking GUANOSINE-5'-MONOPHOSPHATE 'C10 H14 N5 O8 P'
GTP non-polymer GUANOSINE-5'-TRIPHOSPHATE 'C10 H16 N5 O14 P3'
MG non-polymer 'MAGNESIUM ION' 'Mg 2'
U RNA linking URIDINE-5'-MONOPHOSPHATE 'C9 H13 N2 O9 P'
#
# COMPACT_ATOMS: atom_id res chain seq x y z
N GLY A 7 12.13 -16.69 36.35
CA GLY A 7 10.79 -16.94 35.85
C GLY A 7 10.80 -17.69 34.53
N THR A 8 11.85 -18.48 34.31
CA THR A 8 12.01 -19.24 33.09
C THR A 8 12.22 -20.71 33.44
N VAL A 9 11.45 -21.59 32.79
CA VAL A 9 11.69 -23.02 32.82
C VAL A 9 11.99 -23.48 31.39
N PRO A 10 13.05 -24.24 31.16
CA PRO A 10 13.38 -24.65 29.80
C PRO A 10 12.55 -25.85 29.36
N VAL A 11 12.00 -25.78 28.15
CA VAL A 11 11.28 -26.89 27.55
C VAL A 11 11.80 -27.07 26.13
N THR A 12 11.52 -28.24 25.56
CA THR A 12 11.87 -28.54 24.18
C THR A 12 10.73 -28.09 23.28
N TRP A 13 11.01 -27.13 22.40
CA TRP A 13 9.97 -26.56 21.56
C TRP A 13 10.57 -26.05 20.26
N ARG A 14 9.69 -25.89 19.27
CA ARG A 14 10.06 -25.43 17.94
C ARG A 14 9.25 -24.21 17.56
N LEU A 15 9.88 -23.35 16.76
CA LEU A 15 9.31 -22.10 16.30
C LEU A 15 8.91 -22.24 14.83
N GLY A 16 7.65 -21.94 14.55
CA GLY A 16 7.12 -21.96 13.20
C GLY A 16 6.73 -20.55 12.78
N VAL A 17 7.21 -20.15 11.60
CA VAL A 17 7.07 -18.78 11.12
C VAL A 17 6.44 -18.82 9.73
N ASP A 18 5.25 -18.26 9.59
CA ASP A 18 4.47 -18.24 8.35
C ASP A 18 4.43 -16.81 7.85
N VAL A 19 5.42 -16.44 7.03
CA VAL A 19 5.57 -15.07 6.55
C VAL A 19 4.60 -14.83 5.41
N GLY A 20 3.83 -13.74 5.51
CA GLY A 20 2.95 -13.32 4.44
C GLY A 20 3.20 -11.86 4.09
N GLU A 21 2.44 -11.37 3.12
CA GLU A 21 2.59 -10.00 2.67
C GLU A 21 2.01 -9.01 3.67
N ARG A 22 0.83 -9.31 4.22
CA ARG A 22 0.17 -8.45 5.20
C ARG A 22 0.00 -9.15 6.55
N SER A 23 0.71 -10.25 6.76
CA SER A 23 0.51 -11.06 7.96
C SER A 23 1.77 -11.85 8.24
N ILE A 24 1.87 -12.33 9.47
CA ILE A 24 2.87 -13.31 9.85
C ILE A 24 2.29 -14.17 10.96
N GLY A 25 2.50 -15.48 10.86
CA GLY A 25 2.00 -16.42 11.84
C GLY A 25 3.16 -16.99 12.63
N LEU A 26 3.05 -16.92 13.95
CA LEU A 26 4.10 -17.37 14.83
C LEU A 26 3.57 -18.48 15.72
N ALA A 27 4.37 -19.52 15.89
CA ALA A 27 3.98 -20.63 16.75
C ALA A 27 5.17 -21.11 17.54
N ALA A 28 4.93 -21.33 18.82
CA ALA A 28 5.84 -22.04 19.71
C ALA A 28 5.12 -23.33 20.07
N VAL A 29 5.63 -24.46 19.59
CA VAL A 29 5.02 -25.76 19.83
C VAL A 29 6.00 -26.65 20.59
N SER A 30 5.57 -27.17 21.73
CA SER A 30 6.41 -28.05 22.54
C SER A 30 6.46 -29.44 21.94
N TYR A 31 7.63 -30.08 22.03
CA TYR A 31 7.85 -31.41 21.48
C TYR A 31 8.45 -32.33 22.53
N GLU A 32 8.00 -33.58 22.55
CA GLU A 32 8.41 -34.56 23.54
C GLU A 32 9.21 -35.72 22.94
N GLU A 33 8.66 -36.40 21.95
CA GLU A 33 9.28 -37.57 21.34
C GLU A 33 9.22 -37.45 19.83
N ASP A 34 9.67 -36.28 19.32
CA ASP A 34 9.57 -35.85 17.92
C ASP A 34 8.09 -35.79 17.48
N LYS A 35 7.20 -35.56 18.44
CA LYS A 35 5.77 -35.41 18.20
C LYS A 35 5.30 -34.14 18.89
N PRO A 36 4.27 -33.48 18.35
CA PRO A 36 3.74 -32.28 19.00
C PRO A 36 3.10 -32.61 20.34
N LYS A 37 3.42 -31.80 21.35
CA LYS A 37 2.95 -32.02 22.71
C LYS A 37 1.98 -30.93 23.16
N GLU A 38 2.41 -29.67 23.10
CA GLU A 38 1.59 -28.56 23.56
C GLU A 38 1.84 -27.36 22.65
N ILE A 39 0.75 -26.71 22.24
CA ILE A 39 0.85 -25.43 21.53
C ILE A 39 1.11 -24.36 22.59
N LEU A 40 2.38 -23.98 22.75
CA LEU A 40 2.73 -22.97 23.74
C LEU A 40 2.24 -21.60 23.32
N ALA A 41 2.38 -21.27 22.05
CA ALA A 41 1.86 -20.01 21.52
C ALA A 41 1.50 -20.20 20.06
N ALA A 42 0.46 -19.48 19.64
CA ALA A 42 0.05 -19.49 18.23
C ALA A 42 -0.69 -18.18 17.99
N VAL A 43 -0.06 -17.28 17.24
CA VAL A 43 -0.61 -15.94 17.02
C VAL A 43 -0.44 -15.54 15.56
N SER A 44 -1.45 -14.89 15.00
CA SER A 44 -1.35 -14.26 13.70
C SER A 44 -1.29 -12.75 13.90
N TRP A 45 -0.21 -12.14 13.43
CA TRP A 45 0.00 -10.70 13.52
C TRP A 45 -0.22 -10.10 12.15
N ILE A 46 -1.02 -9.05 12.08
CA ILE A 46 -1.40 -8.41 10.83
C ILE A 46 -0.66 -7.09 10.75
N HIS A 47 0.12 -6.90 9.68
CA HIS A 47 0.82 -5.66 9.46
C HIS A 47 0.44 -5.08 8.10
N ASP A 48 0.74 -3.80 7.92
CA ASP A 48 0.41 -3.11 6.68
C ASP A 48 1.45 -3.30 5.59
N GLY A 49 2.51 -4.05 5.87
CA GLY A 49 3.61 -4.17 4.94
C GLY A 49 4.50 -2.96 4.88
N GLY A 50 4.39 -2.06 5.86
CA GLY A 50 5.09 -0.79 5.80
C GLY A 50 4.47 0.23 4.90
N VAL A 51 3.26 -0.02 4.39
CA VAL A 51 2.62 0.87 3.43
C VAL A 51 1.92 2.00 4.18
N GLY A 52 2.25 3.24 3.83
CA GLY A 52 1.63 4.41 4.42
C GLY A 52 0.59 5.03 3.53
N ASP A 53 0.84 5.02 2.22
CA ASP A 53 -0.13 5.48 1.24
C ASP A 53 -0.78 4.26 0.59
N GLU A 54 -2.03 3.99 0.96
CA GLU A 54 -2.71 2.81 0.48
C GLU A 54 -3.12 2.92 -0.98
N ARG A 55 -3.28 4.15 -1.48
CA ARG A 55 -3.71 4.36 -2.86
C ARG A 55 -2.61 4.00 -3.86
N SER A 56 -1.37 4.42 -3.59
CA SER A 56 -0.28 4.21 -4.51
C SER A 56 0.67 3.09 -4.11
N GLY A 57 0.51 2.54 -2.92
CA GLY A 57 1.38 1.47 -2.47
C GLY A 57 2.75 1.93 -2.02
N ALA A 58 2.99 3.24 -1.93
CA ALA A 58 4.25 3.74 -1.44
C ALA A 58 4.37 3.53 0.06
N SER A 59 5.56 3.16 0.51
CA SER A 59 5.77 2.91 1.92
C SER A 59 5.87 4.23 2.69
N ARG A 60 5.81 4.10 4.01
CA ARG A 60 5.97 5.26 4.89
C ARG A 60 7.35 5.87 4.76
N LEU A 61 8.37 5.01 4.64
CA LEU A 61 9.74 5.48 4.46
C LEU A 61 9.92 6.19 3.11
N ALA A 62 9.25 5.70 2.07
CA ALA A 62 9.33 6.34 0.76
C ALA A 62 8.64 7.70 0.76
N LEU A 63 7.48 7.80 1.40
CA LEU A 63 6.79 9.09 1.50
C LEU A 63 7.60 10.09 2.30
N ARG A 64 8.22 9.62 3.39
CA ARG A 64 9.09 10.48 4.20
C ARG A 64 10.29 10.96 3.40
N GLY A 65 10.91 10.07 2.62
CA GLY A 65 12.06 10.45 1.82
C GLY A 65 11.70 11.45 0.72
N MET A 66 10.55 11.27 0.08
CA MET A 66 10.10 12.22 -0.93
C MET A 66 9.80 13.59 -0.33
N ALA A 67 9.17 13.62 0.86
CA ALA A 67 8.93 14.89 1.54
C ALA A 67 10.23 15.57 1.95
N ARG A 68 11.20 14.80 2.45
CA ARG A 68 12.48 15.35 2.85
C ARG A 68 13.24 15.92 1.65
N ARG A 69 13.18 15.23 0.51
CA ARG A 69 13.87 15.73 -0.67
C ARG A 69 13.17 16.95 -1.27
N ALA A 70 11.85 17.04 -1.14
CA ALA A 70 11.14 18.26 -1.54
C ALA A 70 11.55 19.44 -0.65
N ARG A 71 11.70 19.20 0.67
CA ARG A 71 12.16 20.26 1.56
C ARG A 71 13.57 20.72 1.22
N ARG A 72 14.46 19.77 0.92
CA ARG A 72 15.83 20.11 0.54
C ARG A 72 15.87 20.85 -0.79
N LEU A 73 14.99 20.47 -1.73
CA LEU A 73 14.88 21.17 -2.99
C LEU A 73 14.47 22.62 -2.79
N ARG A 74 13.48 22.85 -1.91
CA ARG A 74 13.03 24.21 -1.65
C ARG A 74 14.11 25.03 -0.96
N ARG A 75 14.87 24.40 -0.05
CA ARG A 75 15.96 25.10 0.63
C ARG A 75 17.06 25.52 -0.34
N PHE A 76 17.49 24.61 -1.22
CA PHE A 76 18.57 25.00 -2.13
C PHE A 76 18.06 25.92 -3.23
N ARG A 77 16.78 25.80 -3.61
CA ARG A 77 16.19 26.74 -4.56
C ARG A 77 16.17 28.16 -3.97
N ARG A 78 15.83 28.28 -2.69
CA ARG A 78 15.89 29.56 -2.01
C ARG A 78 17.30 30.13 -1.99
N ALA A 79 18.29 29.28 -1.68
CA ALA A 79 19.68 29.73 -1.66
C ALA A 79 20.17 30.16 -3.04
N ARG A 80 19.80 29.40 -4.07
CA ARG A 80 20.22 29.68 -5.44
C ARG A 80 19.59 30.96 -5.98
N LEU A 81 18.30 31.17 -5.70
CA LEU A 81 17.63 32.40 -6.11
C LEU A 81 18.16 33.61 -5.37
N ARG A 82 18.53 33.43 -4.08
CA ARG A 82 19.17 34.51 -3.34
C ARG A 82 20.54 34.86 -3.91
N ASP A 83 21.32 33.85 -4.30
CA ASP A 83 22.63 34.11 -4.92
C ASP A 83 22.50 34.79 -6.27
N LEU A 84 21.48 34.42 -7.04
CA LEU A 84 21.20 35.15 -8.28
C LEU A 84 20.80 36.59 -7.99
N ASP A 85 20.04 36.82 -6.92
CA ASP A 85 19.64 38.19 -6.57
C ASP A 85 20.85 39.04 -6.19
N MET A 86 21.82 38.45 -5.48
CA MET A 86 23.07 39.17 -5.21
C MET A 86 23.85 39.44 -6.49
N LEU A 87 23.89 38.48 -7.42
CA LEU A 87 24.58 38.71 -8.69
C LEU A 87 23.91 39.80 -9.51
N LEU A 88 22.58 39.84 -9.51
CA LEU A 88 21.84 40.87 -10.24
C LEU A 88 22.00 42.23 -9.59
N SER A 89 22.13 42.28 -8.26
CA SER A 89 22.43 43.54 -7.59
C SER A 89 23.84 44.02 -7.93
N GLU A 90 24.79 43.09 -8.04
CA GLU A 90 26.15 43.46 -8.45
C GLU A 90 26.18 43.95 -9.89
N LEU A 91 25.38 43.33 -10.76
CA LEU A 91 25.31 43.72 -12.16
C LEU A 91 24.43 44.94 -12.39
N GLY A 92 23.69 45.39 -11.37
CA GLY A 92 22.77 46.49 -11.54
C GLY A 92 21.47 46.12 -12.22
N TRP A 93 21.19 44.83 -12.38
CA TRP A 93 19.99 44.38 -13.05
C TRP A 93 18.89 44.19 -12.01
N THR A 94 17.74 44.81 -12.24
CA THR A 94 16.65 44.75 -11.28
C THR A 94 15.86 43.46 -11.48
N PRO A 95 15.71 42.62 -10.45
CA PRO A 95 14.93 41.39 -10.62
C PRO A 95 13.44 41.70 -10.70
N LEU A 96 12.67 40.67 -11.00
CA LEU A 96 11.23 40.83 -11.13
C LEU A 96 10.60 41.07 -9.77
N PRO A 97 9.83 42.15 -9.60
CA PRO A 97 9.22 42.42 -8.30
C PRO A 97 8.12 41.44 -7.96
N ASP A 98 7.86 41.31 -6.66
CA ASP A 98 6.88 40.36 -6.16
C ASP A 98 5.45 40.76 -6.50
N LYS A 99 5.17 42.04 -6.69
CA LYS A 99 3.81 42.51 -6.90
C LYS A 99 3.85 43.79 -7.71
N ASN A 100 2.67 44.29 -8.06
CA ASN A 100 2.44 45.55 -8.78
C ASN A 100 3.15 45.57 -10.13
N VAL A 101 3.20 44.41 -10.79
CA VAL A 101 3.76 44.28 -12.13
C VAL A 101 2.77 43.52 -12.98
N SER A 102 2.92 43.68 -14.30
CA SER A 102 2.06 42.98 -15.23
C SER A 102 2.36 41.48 -15.24
N PRO A 103 1.35 40.65 -15.49
CA PRO A 103 1.60 39.20 -15.62
C PRO A 103 2.54 38.83 -16.74
N VAL A 104 2.59 39.61 -17.81
CA VAL A 104 3.37 39.26 -18.98
C VAL A 104 4.68 40.03 -19.05
N ASP A 105 5.08 40.71 -17.97
CA ASP A 105 6.30 41.52 -17.98
C ASP A 105 7.54 40.68 -18.20
N ALA A 106 7.61 39.51 -17.57
CA ALA A 106 8.76 38.63 -17.74
C ALA A 106 8.82 38.06 -19.15
N TRP A 107 7.67 37.64 -19.68
CA TRP A 107 7.63 37.04 -21.01
C TRP A 107 7.92 38.06 -22.11
N LEU A 108 7.35 39.28 -22.00
CA LEU A 108 7.71 40.31 -22.97
C LEU A 108 9.13 40.81 -22.80
N ALA A 109 9.69 40.77 -21.57
CA ALA A 109 11.10 41.09 -21.40
C ALA A 109 11.98 40.09 -22.12
N ARG A 110 11.66 38.80 -21.98
CA ARG A 110 12.41 37.75 -22.69
C ARG A 110 12.25 37.87 -24.19
N LYS A 111 11.02 38.15 -24.66
CA LYS A 111 10.74 38.31 -26.09
C LYS A 111 11.47 39.52 -26.67
N ARG A 112 11.44 40.65 -25.98
CA ARG A 112 12.08 41.86 -26.50
C ARG A 112 13.60 41.74 -26.48
N LEU A 113 14.15 41.10 -25.45
CA LEU A 113 15.60 40.93 -25.40
C LEU A 113 16.08 39.92 -26.43
N ALA A 114 15.27 38.91 -26.75
CA ALA A 114 15.66 38.00 -27.82
C ALA A 114 15.34 38.52 -29.21
N GLU A 115 14.52 39.57 -29.32
CA GLU A 115 14.17 40.13 -30.62
C GLU A 115 15.04 41.30 -31.03
N GLU A 116 15.14 42.33 -30.19
CA GLU A 116 15.78 43.58 -30.58
C GLU A 116 16.75 44.03 -29.51
N TYR A 117 17.73 44.84 -29.92
CA TYR A 117 18.66 45.43 -28.98
C TYR A 117 18.03 46.68 -28.35
N VAL A 118 18.15 46.80 -27.04
CA VAL A 118 17.57 47.91 -26.30
C VAL A 118 18.65 48.97 -26.13
N VAL A 119 18.38 50.18 -26.66
CA VAL A 119 19.39 51.24 -26.61
C VAL A 119 19.36 52.01 -25.30
N ASP A 120 18.25 51.98 -24.56
CA ASP A 120 18.21 52.62 -23.26
C ASP A 120 18.92 51.75 -22.23
N GLU A 121 19.79 52.38 -21.43
CA GLU A 121 20.62 51.63 -20.49
C GLU A 121 19.79 51.08 -19.34
N THR A 122 18.95 51.93 -18.74
CA THR A 122 18.16 51.50 -17.59
C THR A 122 17.07 50.53 -18.00
N GLU A 123 16.46 50.75 -19.16
CA GLU A 123 15.45 49.83 -19.68
C GLU A 123 16.07 48.47 -20.00
N ARG A 124 17.28 48.46 -20.59
CA ARG A 124 17.93 47.19 -20.88
C ARG A 124 18.32 46.44 -19.61
N ARG A 125 18.83 47.16 -18.59
CA ARG A 125 19.17 46.50 -17.33
C ARG A 125 17.94 45.97 -16.61
N ARG A 126 16.83 46.73 -16.65
CA ARG A 126 15.58 46.29 -16.03
C ARG A 126 15.04 45.04 -16.72
N LEU A 127 15.04 45.04 -18.05
CA LEU A 127 14.51 43.89 -18.79
C LEU A 127 15.42 42.68 -18.64
N LEU A 128 16.74 42.90 -18.59
CA LEU A 128 17.68 41.80 -18.39
C LEU A 128 17.52 41.16 -17.02
N GLY A 129 17.33 41.98 -15.98
CA GLY A 129 17.08 41.44 -14.66
C GLY A 129 15.77 40.68 -14.57
N TYR A 130 14.72 41.22 -15.21
CA TYR A 130 13.42 40.53 -15.26
C TYR A 130 13.54 39.17 -15.93
N ALA A 131 14.19 39.14 -17.09
CA ALA A 131 14.34 37.91 -17.87
C ALA A 131 15.20 36.89 -17.15
N VAL A 132 16.32 37.32 -16.55
CA VAL A 132 17.22 36.37 -15.90
C VAL A 132 16.60 35.80 -14.63
N SER A 133 15.91 36.64 -13.84
CA SER A 133 15.24 36.15 -12.64
C SER A 133 14.11 35.19 -12.98
N HIS A 134 13.34 35.49 -14.03
CA HIS A 134 12.28 34.59 -14.43
C HIS A 134 12.81 33.29 -15.03
N MET A 135 13.96 33.33 -15.70
CA MET A 135 14.58 32.11 -16.19
C MET A 135 15.09 31.25 -15.05
N ALA A 136 15.56 31.86 -13.97
CA ALA A 136 15.96 31.03 -12.84
C ALA A 136 14.76 30.45 -12.13
N ARG A 137 13.63 31.17 -12.12
CA ARG A 137 12.42 30.58 -11.55
C ARG A 137 11.86 29.47 -12.44
N HIS A 138 12.09 29.53 -13.76
CA HIS A 138 11.57 28.53 -14.71
C HIS A 138 12.70 28.22 -15.69
N ARG A 139 13.52 27.23 -15.35
CA ARG A 139 14.68 26.90 -16.16
C ARG A 139 14.58 25.59 -16.93
N GLY A 140 13.52 24.81 -16.70
CA GLY A 140 13.39 23.54 -17.38
C GLY A 140 14.26 22.47 -16.74
N TRP A 141 14.21 21.28 -17.33
CA TRP A 141 14.88 20.12 -16.76
C TRP A 141 16.18 19.80 -17.50
N ARG A 142 17.16 19.32 -16.75
CA ARG A 142 18.37 18.75 -17.33
C ARG A 142 18.76 17.52 -16.54
N ASN A 143 19.60 16.69 -17.16
CA ASN A 143 20.16 15.52 -16.50
C ASN A 143 20.99 15.98 -15.30
N PRO A 144 20.68 15.51 -14.09
CA PRO A 144 21.33 16.05 -12.90
C PRO A 144 22.79 15.65 -12.75
N TRP A 145 23.22 14.61 -13.46
CA TRP A 145 24.61 14.15 -13.41
C TRP A 145 25.47 14.85 -14.44
N THR A 146 24.91 15.79 -15.19
CA THR A 146 25.63 16.58 -16.18
C THR A 146 25.87 17.97 -15.62
N THR A 147 27.10 18.45 -15.75
CA THR A 147 27.49 19.72 -15.18
C THR A 147 27.05 20.88 -16.06
N ILE A 148 27.41 22.09 -15.63
CA ILE A 148 27.09 23.30 -16.39
C ILE A 148 27.87 23.35 -17.70
N LYS A 149 29.13 22.88 -17.69
CA LYS A 149 29.93 22.86 -18.90
C LYS A 149 29.37 21.89 -19.94
N ASP A 150 28.91 20.73 -19.50
CA ASP A 150 28.36 19.75 -20.44
C ASP A 150 26.97 20.19 -20.88
N LEU A 151 26.25 20.92 -20.03
CA LEU A 151 25.00 21.56 -20.44
C LEU A 151 25.27 22.60 -21.52
N LYS A 152 26.38 23.33 -21.38
CA LYS A 152 26.79 24.30 -22.40
C LYS A 152 27.20 23.61 -23.70
N ASN A 153 27.65 22.36 -23.61
CA ASN A 153 28.08 21.63 -24.80
C ASN A 153 26.97 20.81 -25.44
N LEU A 154 25.76 20.86 -24.92
CA LEU A 154 24.62 20.19 -25.55
C LEU A 154 24.21 20.95 -26.81
N PRO A 155 23.58 20.28 -27.79
CA PRO A 155 23.05 21.00 -28.94
C PRO A 155 21.93 21.97 -28.53
N GLN A 156 21.96 23.15 -29.13
CA GLN A 156 21.06 24.23 -28.73
C GLN A 156 20.46 24.92 -29.95
N PRO A 157 19.12 24.92 -30.09
CA PRO A 157 18.09 24.36 -29.22
C PRO A 157 17.93 22.84 -29.33
N SER A 158 17.29 22.21 -28.35
CA SER A 158 17.09 20.77 -28.38
C SER A 158 16.09 20.38 -29.46
N ASP A 159 16.12 19.09 -29.81
CA ASP A 159 15.25 18.58 -30.87
C ASP A 159 13.78 18.58 -30.43
N SER A 160 13.53 18.38 -29.13
CA SER A 160 12.16 18.47 -28.62
C SER A 160 11.59 19.87 -28.78
N TRP A 161 12.39 20.89 -28.45
CA TRP A 161 11.92 22.25 -28.63
C TRP A 161 11.86 22.63 -30.11
N GLU A 162 12.70 22.02 -30.94
CA GLU A 162 12.61 22.24 -32.38
C GLU A 162 11.30 21.69 -32.95
N ARG A 163 10.89 20.49 -32.49
CA ARG A 163 9.60 19.94 -32.92
C ARG A 163 8.44 20.77 -32.39
N THR A 164 8.55 21.22 -31.13
CA THR A 164 7.51 22.06 -30.53
C THR A 164 7.38 23.39 -31.26
N ARG A 165 8.51 23.99 -31.64
CA ARG A 165 8.51 25.25 -32.36
C ARG A 165 7.96 25.09 -33.77
N GLU A 166 8.27 23.97 -34.43
CA GLU A 166 7.69 23.70 -35.74
C GLU A 166 6.18 23.49 -35.65
N SER A 167 5.71 22.80 -34.61
CA SER A 167 4.27 22.60 -34.42
C SER A 167 3.57 23.93 -34.11
N LEU A 168 4.22 24.80 -33.34
CA LEU A 168 3.65 26.11 -33.05
C LEU A 168 3.61 27.01 -34.28
N GLU A 169 4.67 26.93 -35.12
CA GLU A 169 4.69 27.68 -36.37
C GLU A 169 3.60 27.21 -37.32
N ALA A 170 3.39 25.89 -37.38
CA ALA A 170 2.35 25.35 -38.25
C ALA A 170 0.96 25.69 -37.73
N ARG A 171 0.79 25.69 -36.40
CA ARG A 171 -0.53 25.92 -35.81
C ARG A 171 -0.91 27.39 -35.89
N TYR A 172 0.02 28.31 -35.63
CA TYR A 172 -0.31 29.72 -35.54
C TYR A 172 0.09 30.52 -36.78
N SER A 173 0.66 29.86 -37.81
CA SER A 173 0.98 30.47 -39.11
C SER A 173 1.88 31.69 -38.99
N VAL A 174 2.88 31.60 -38.11
CA VAL A 174 3.76 32.72 -37.82
C VAL A 174 5.14 32.18 -37.48
N SER A 175 6.17 32.89 -37.91
CA SER A 175 7.56 32.52 -37.63
C SER A 175 8.18 33.59 -36.76
N LEU A 176 8.70 33.18 -35.60
CA LEU A 176 9.41 34.07 -34.70
C LEU A 176 10.90 33.79 -34.78
N GLU A 177 11.69 34.83 -35.01
CA GLU A 177 13.13 34.66 -35.22
C GLU A 177 13.92 35.40 -34.15
N PRO A 178 14.67 34.70 -33.29
CA PRO A 178 14.75 33.24 -33.16
C PRO A 178 13.56 32.71 -32.37
N GLY A 179 13.14 31.48 -32.63
CA GLY A 179 12.00 30.93 -31.93
C GLY A 179 12.32 30.44 -30.53
N THR A 180 12.52 31.35 -29.59
CA THR A 180 12.82 30.96 -28.23
C THR A 180 11.53 30.77 -27.44
N VAL A 181 11.70 30.19 -26.25
CA VAL A 181 10.56 29.87 -25.38
C VAL A 181 9.94 31.15 -24.85
N GLY A 182 10.77 32.12 -24.46
CA GLY A 182 10.24 33.39 -23.98
C GLY A 182 9.53 34.17 -25.06
N GLN A 183 10.07 34.18 -26.28
CA GLN A 183 9.42 34.83 -27.42
C GLN A 183 8.07 34.20 -27.73
N TRP A 184 8.04 32.88 -27.82
CA TRP A 184 6.80 32.18 -28.16
C TRP A 184 5.75 32.33 -27.07
N ALA A 185 6.16 32.23 -25.80
CA ALA A 185 5.20 32.34 -24.71
C ALA A 185 4.70 33.77 -24.56
N GLY A 186 5.56 34.77 -24.78
CA GLY A 186 5.09 36.14 -24.75
C GLY A 186 4.15 36.46 -25.90
N TYR A 187 4.43 35.92 -27.09
CA TYR A 187 3.54 36.13 -28.23
C TYR A 187 2.20 35.44 -27.99
N LEU A 188 2.20 34.26 -27.39
CA LEU A 188 0.96 33.56 -27.14
C LEU A 188 0.15 34.18 -26.01
N LEU A 189 0.82 34.74 -25.00
CA LEU A 189 0.11 35.43 -23.94
C LEU A 189 -0.37 36.81 -24.38
N GLN A 190 0.22 37.37 -25.43
CA GLN A 190 -0.26 38.62 -25.98
C GLN A 190 -1.35 38.43 -27.04
N ARG A 191 -1.35 37.30 -27.74
CA ARG A 191 -2.29 37.05 -28.82
C ARG A 191 -3.52 36.26 -28.38
N ALA A 192 -3.34 35.19 -27.62
CA ALA A 192 -4.42 34.34 -27.14
C ALA A 192 -4.36 34.33 -25.62
N PRO A 193 -4.91 35.36 -24.96
CA PRO A 193 -4.80 35.43 -23.50
C PRO A 193 -5.64 34.36 -22.82
N GLY A 194 -5.18 33.94 -21.65
CA GLY A 194 -5.78 32.81 -20.98
C GLY A 194 -5.28 31.46 -21.44
N ILE A 195 -4.31 31.43 -22.35
CA ILE A 195 -3.72 30.16 -22.77
C ILE A 195 -2.81 29.64 -21.67
N ARG A 196 -2.68 28.31 -21.59
CA ARG A 196 -1.83 27.64 -20.62
C ARG A 196 -0.62 27.08 -21.36
N LEU A 197 0.57 27.31 -20.80
CA LEU A 197 1.81 26.96 -21.50
C LEU A 197 2.13 25.48 -21.40
N ASN A 198 2.19 24.94 -20.19
CA ASN A 198 2.58 23.54 -20.03
C ASN A 198 1.36 22.69 -19.71
N PRO A 199 1.33 21.43 -20.18
CA PRO A 199 0.15 20.58 -19.94
C PRO A 199 0.01 20.20 -18.47
N THR A 200 -1.24 20.01 -18.06
CA THR A 200 -1.57 19.75 -16.66
C THR A 200 -1.65 18.25 -16.41
N GLN A 201 -0.77 17.76 -15.53
CA GLN A 201 -0.88 16.39 -15.08
C GLN A 201 -2.06 16.23 -14.13
N GLN A 202 -2.55 14.99 -14.04
CA GLN A 202 -3.72 14.60 -13.24
C GLN A 202 -4.94 15.44 -13.64
N SER A 203 -5.17 15.51 -14.95
CA SER A 203 -6.24 16.26 -15.61
C SER A 203 -6.27 17.74 -15.22
N LEU A 210 -13.53 24.87 -22.55
CA LEU A 210 -12.87 23.67 -22.02
C LEU A 210 -11.85 23.20 -23.06
N SER A 211 -12.00 23.67 -24.29
CA SER A 211 -11.09 23.34 -25.38
C SER A 211 -9.90 24.29 -25.43
N ASN A 212 -9.20 24.42 -24.30
CA ASN A 212 -8.01 25.26 -24.22
C ASN A 212 -6.83 24.49 -24.77
N ALA A 213 -6.30 24.94 -25.91
CA ALA A 213 -5.16 24.29 -26.52
C ALA A 213 -3.89 24.72 -25.80
N THR A 214 -3.12 23.73 -25.33
CA THR A 214 -1.91 24.01 -24.57
C THR A 214 -0.80 24.49 -25.51
N ALA A 215 -0.04 25.49 -25.06
CA ALA A 215 0.98 26.10 -25.90
C ALA A 215 2.16 25.17 -26.13
N PHE A 216 2.65 24.52 -25.08
CA PHE A 216 3.74 23.57 -25.21
C PHE A 216 3.23 22.18 -24.86
N GLU A 217 3.80 21.16 -25.51
CA GLU A 217 3.38 19.80 -25.28
C GLU A 217 4.48 18.90 -24.72
N THR A 218 5.73 19.33 -24.76
CA THR A 218 6.84 18.56 -24.24
C THR A 218 7.43 19.25 -23.01
N ARG A 219 8.26 18.50 -22.30
CA ARG A 219 8.93 19.04 -21.12
C ARG A 219 9.98 20.06 -21.54
N LEU A 220 10.00 21.20 -20.84
CA LEU A 220 11.02 22.22 -21.11
C LEU A 220 12.38 21.72 -20.66
N ARG A 221 13.37 21.88 -21.54
CA ARG A 221 14.73 21.45 -21.26
C ARG A 221 15.59 22.66 -20.90
N GLN A 222 16.63 22.41 -20.11
CA GLN A 222 17.50 23.51 -19.68
C GLN A 222 18.32 24.06 -20.82
N GLU A 223 18.60 23.26 -21.85
CA GLU A 223 19.36 23.74 -22.99
C GLU A 223 18.55 24.72 -23.83
N ASP A 224 17.22 24.61 -23.81
CA ASP A 224 16.38 25.60 -24.49
C ASP A 224 16.45 26.97 -23.82
N VAL A 225 16.36 26.99 -22.48
CA VAL A 225 16.49 28.24 -21.73
C VAL A 225 17.91 28.80 -21.85
N LEU A 226 18.90 27.91 -21.87
CA LEU A 226 20.29 28.32 -22.08
C LEU A 226 20.49 28.94 -23.45
N TRP A 227 19.87 28.35 -24.48
CA TRP A 227 19.99 28.88 -25.83
C TRP A 227 19.25 30.22 -25.96
N GLU A 228 18.13 30.37 -25.26
CA GLU A 228 17.43 31.65 -25.23
C GLU A 228 18.28 32.71 -24.55
N LEU A 229 18.99 32.34 -23.48
CA LEU A 229 19.90 33.28 -22.83
C LEU A 229 21.10 33.61 -23.72
N ARG A 230 21.58 32.65 -24.52
CA ARG A 230 22.64 32.93 -25.50
C ARG A 230 22.16 33.90 -26.57
N CYS A 231 20.92 33.71 -27.04
CA CYS A 231 20.36 34.62 -28.04
C CYS A 231 20.19 36.02 -27.48
N ILE A 232 19.74 36.12 -26.22
CA ILE A 232 19.61 37.42 -25.56
C ILE A 232 20.99 38.05 -25.35
N ALA A 233 21.99 37.23 -25.03
CA ALA A 233 23.35 37.70 -24.79
C ALA A 233 23.97 38.27 -26.06
N ASP A 234 23.82 37.56 -27.17
CA ASP A 234 24.45 38.04 -28.39
C ASP A 234 23.61 39.07 -29.13
N VAL A 235 22.32 39.21 -28.80
CA VAL A 235 21.56 40.35 -29.31
C VAL A 235 21.92 41.62 -28.56
N GLN A 236 21.98 41.55 -27.22
CA GLN A 236 22.28 42.72 -26.42
C GLN A 236 23.78 43.02 -26.31
N GLY A 237 24.64 42.13 -26.79
CA GLY A 237 26.08 42.36 -26.74
C GLY A 237 26.68 42.36 -25.35
N LEU A 238 26.28 41.40 -24.51
CA LEU A 238 26.77 41.33 -23.14
C LEU A 238 28.20 40.77 -23.10
N PRO A 239 28.98 41.16 -22.10
CA PRO A 239 30.33 40.58 -21.96
C PRO A 239 30.28 39.11 -21.59
N GLU A 240 31.31 38.36 -22.04
CA GLU A 240 31.32 36.92 -21.91
C GLU A 240 31.48 36.47 -20.46
N ASP A 241 32.23 37.23 -19.65
CA ASP A 241 32.34 36.92 -18.23
C ASP A 241 31.01 37.11 -17.53
N VAL A 242 30.26 38.14 -17.92
CA VAL A 242 28.92 38.39 -17.37
C VAL A 242 27.98 37.25 -17.74
N VAL A 243 28.02 36.80 -19.00
CA VAL A 243 27.16 35.72 -19.45
C VAL A 243 27.51 34.41 -18.75
N SER A 244 28.82 34.15 -18.55
CA SER A 244 29.26 32.95 -17.85
C SER A 244 28.82 32.96 -16.39
N ASN A 245 28.91 34.12 -15.72
CA ASN A 245 28.46 34.20 -14.33
C ASN A 245 26.95 34.05 -14.22
N VAL A 246 26.20 34.62 -15.18
CA VAL A 246 24.74 34.48 -15.16
C VAL A 246 24.32 33.04 -15.38
N ILE A 247 25.01 32.33 -16.29
CA ILE A 247 24.72 30.91 -16.50
C ILE A 247 25.07 30.09 -15.26
N ASP A 248 26.22 30.38 -14.64
CA ASP A 248 26.63 29.67 -13.43
C ASP A 248 25.74 29.96 -12.24
N ALA A 249 25.03 31.09 -12.24
CA ALA A 249 24.12 31.38 -11.15
C ALA A 249 22.70 30.86 -11.40
N VAL A 250 22.26 30.87 -12.66
CA VAL A 250 20.91 30.41 -12.97
C VAL A 250 20.84 28.89 -12.99
N PHE A 251 21.76 28.24 -13.71
CA PHE A 251 21.69 26.80 -13.93
C PHE A 251 22.53 26.02 -12.93
N CYS A 252 22.80 26.58 -11.75
CA CYS A 252 23.58 25.84 -10.78
C CYS A 252 22.73 24.73 -10.15
N GLN A 253 23.39 23.63 -9.80
CA GLN A 253 22.69 22.43 -9.40
C GLN A 253 23.64 21.56 -8.61
N LYS A 254 23.21 21.11 -7.43
CA LYS A 254 24.03 20.19 -6.66
C LYS A 254 24.06 18.82 -7.33
N ARG A 255 25.23 18.20 -7.32
CA ARG A 255 25.40 16.90 -7.94
C ARG A 255 24.72 15.81 -7.11
N PRO A 256 24.18 14.78 -7.76
CA PRO A 256 23.60 13.68 -6.98
C PRO A 256 24.66 12.79 -6.37
N SER A 257 24.89 12.93 -5.08
CA SER A 257 25.86 12.16 -4.31
C SER A 257 25.13 11.13 -3.45
N VAL A 258 25.88 10.46 -2.58
CA VAL A 258 25.32 9.48 -1.64
C VAL A 258 25.60 9.86 -0.17
N PRO A 259 25.04 10.98 0.35
CA PRO A 259 25.33 11.37 1.74
C PRO A 259 24.67 10.52 2.80
N ALA A 260 23.36 10.25 2.64
CA ALA A 260 22.58 9.65 3.72
C ALA A 260 22.81 8.15 3.83
N GLU A 261 22.79 7.46 2.69
CA GLU A 261 22.96 6.01 2.70
C GLU A 261 24.41 5.64 2.99
N ARG A 262 24.58 4.58 3.77
CA ARG A 262 25.90 4.02 4.07
C ARG A 262 26.45 3.24 2.88
N ILE A 263 25.64 3.04 1.85
CA ILE A 263 26.01 2.37 0.62
C ILE A 263 27.12 3.10 -0.12
N ARG A 474 34.74 -15.45 7.91
CA ARG A 474 33.43 -15.19 7.31
C ARG A 474 32.87 -13.85 7.81
N PRO A 475 32.13 -13.15 6.92
CA PRO A 475 31.46 -11.92 7.36
C PRO A 475 30.40 -12.23 8.39
N PRO A 476 30.16 -11.32 9.34
CA PRO A 476 29.12 -11.58 10.35
C PRO A 476 27.70 -11.45 9.79
N LEU A 477 26.85 -12.38 10.22
CA LEU A 477 25.46 -12.32 9.84
C LEU A 477 24.77 -11.14 10.53
N PRO A 478 23.78 -10.52 9.88
CA PRO A 478 23.02 -9.46 10.56
C PRO A 478 22.23 -10.02 11.74
N ALA A 479 22.15 -9.22 12.79
CA ALA A 479 21.52 -9.66 14.02
C ALA A 479 20.01 -9.40 13.95
N LEU A 480 19.30 -9.81 15.00
CA LEU A 480 17.86 -9.64 15.03
C LEU A 480 17.47 -8.17 15.18
N HIS A 481 18.27 -7.40 15.91
CA HIS A 481 17.95 -6.00 16.14
C HIS A 481 18.34 -5.07 15.00
N GLU A 482 19.03 -5.58 13.97
CA GLU A 482 19.45 -4.77 12.85
C GLU A 482 18.40 -4.80 11.74
N ALA A 483 17.96 -3.63 11.30
CA ALA A 483 16.96 -3.52 10.25
C ALA A 483 17.60 -3.66 8.87
N THR A 484 16.83 -4.22 7.93
CA THR A 484 17.30 -4.37 6.56
C THR A 484 16.86 -3.24 5.63
N GLY A 485 15.97 -2.36 6.09
CA GLY A 485 15.55 -1.22 5.31
C GLY A 485 14.40 -1.44 4.35
N HIS A 486 13.90 -2.67 4.22
CA HIS A 486 12.77 -2.96 3.35
C HIS A 486 11.53 -3.03 4.21
N PRO A 487 10.49 -2.22 3.94
CA PRO A 487 9.31 -2.08 4.82
C PRO A 487 8.60 -3.35 5.30
N VAL A 488 8.13 -4.18 4.39
CA VAL A 488 7.41 -5.40 4.76
C VAL A 488 8.32 -6.39 5.48
N VAL A 489 9.60 -6.45 5.10
CA VAL A 489 10.54 -7.36 5.75
C VAL A 489 10.84 -6.89 7.15
N ASP A 490 10.94 -5.56 7.34
CA ASP A 490 11.09 -4.97 8.67
C ASP A 490 9.88 -5.24 9.55
N ARG A 491 8.66 -5.18 8.98
CA ARG A 491 7.45 -5.47 9.76
C ARG A 491 7.45 -6.91 10.25
N ASN A 492 7.69 -7.85 9.32
CA ASN A 492 7.75 -9.27 9.67
C ASN A 492 8.86 -9.55 10.67
N LEU A 493 10.02 -8.93 10.47
CA LEU A 493 11.18 -9.16 11.32
C LEU A 493 11.00 -8.57 12.71
N ALA A 494 10.32 -7.42 12.81
CA ALA A 494 10.05 -6.82 14.11
C ALA A 494 9.10 -7.69 14.93
N ILE A 495 8.04 -8.18 14.29
CA ILE A 495 7.11 -9.08 14.98
C ILE A 495 7.80 -10.39 15.37
N LEU A 496 8.63 -10.93 14.46
CA LEU A 496 9.34 -12.18 14.72
C LEU A 496 10.35 -12.02 15.86
N ARG A 497 11.07 -10.89 15.90
CA ARG A 497 12.07 -10.72 16.96
C ARG A 497 11.41 -10.49 18.31
N LYS A 498 10.23 -9.85 18.32
CA LYS A 498 9.50 -9.71 19.58
C LYS A 498 8.98 -11.05 20.08
N PHE A 499 8.42 -11.85 19.17
CA PHE A 499 7.94 -13.19 19.53
C PHE A 499 9.09 -14.07 20.00
N LEU A 500 10.23 -14.00 19.32
CA LEU A 500 11.37 -14.83 19.65
C LEU A 500 11.98 -14.42 20.99
N SER A 501 12.04 -13.12 21.27
CA SER A 501 12.56 -12.67 22.55
C SER A 501 11.64 -13.07 23.71
N SER A 502 10.33 -12.89 23.55
CA SER A 502 9.39 -13.30 24.60
C SER A 502 9.41 -14.81 24.81
N ALA A 503 9.44 -15.58 23.72
CA ALA A 503 9.45 -17.03 23.80
C ALA A 503 10.73 -17.55 24.40
N THR A 504 11.87 -16.89 24.12
CA THR A 504 13.13 -17.31 24.72
C THR A 504 13.16 -16.98 26.20
N MET A 505 12.61 -15.83 26.61
CA MET A 505 12.59 -15.51 28.03
C MET A 505 11.60 -16.37 28.80
N ARG A 506 10.61 -16.95 28.14
CA ARG A 506 9.63 -17.71 28.92
C ARG A 506 9.79 -19.22 28.81
N TRP A 507 10.33 -19.75 27.70
CA TRP A 507 10.57 -21.18 27.58
C TRP A 507 12.01 -21.57 27.28
N GLY A 508 12.92 -20.61 27.18
CA GLY A 508 14.25 -20.90 26.71
C GLY A 508 14.32 -20.89 25.20
N PRO A 509 15.51 -21.13 24.64
CA PRO A 509 15.67 -21.07 23.19
C PRO A 509 15.00 -22.27 22.53
N PRO A 510 14.52 -22.11 21.29
CA PRO A 510 13.99 -23.26 20.56
C PRO A 510 15.12 -24.15 20.06
N GLN A 511 14.80 -25.42 19.86
CA GLN A 511 15.78 -26.32 19.25
C GLN A 511 15.62 -26.42 17.74
N SER A 512 14.58 -25.82 17.17
CA SER A 512 14.40 -25.78 15.72
C SER A 512 13.54 -24.58 15.37
N ILE A 513 13.83 -23.98 14.21
CA ILE A 513 13.09 -22.84 13.69
C ILE A 513 12.77 -23.12 12.23
N VAL A 514 11.48 -23.18 11.89
CA VAL A 514 11.04 -23.46 10.52
C VAL A 514 10.21 -22.29 10.02
N VAL A 515 10.60 -21.74 8.87
CA VAL A 515 9.98 -20.58 8.25
C VAL A 515 9.56 -20.95 6.83
N GLU A 516 8.42 -20.43 6.38
CA GLU A 516 8.18 -20.35 4.95
C GLU A 516 7.77 -18.93 4.58
N LEU A 517 7.98 -18.60 3.30
CA LEU A 517 7.58 -17.33 2.73
C LEU A 517 6.67 -17.57 1.53
N ALA A 518 5.59 -16.80 1.47
CA ALA A 518 4.63 -16.91 0.37
C ALA A 518 5.21 -16.32 -0.91
N ARG A 519 4.48 -16.51 -2.01
CA ARG A 519 4.90 -15.98 -3.30
C ARG A 519 4.78 -14.46 -3.40
N GLY A 520 4.09 -13.83 -2.45
CA GLY A 520 4.03 -12.38 -2.36
C GLY A 520 5.16 -11.80 -1.52
N ALA A 521 4.92 -10.57 -1.03
CA ALA A 521 5.78 -9.78 -0.14
C ALA A 521 7.13 -9.39 -0.74
N SER A 522 7.38 -9.73 -2.01
CA SER A 522 8.60 -9.35 -2.70
C SER A 522 8.27 -8.77 -4.07
N GLU A 523 7.14 -9.18 -4.62
CA GLU A 523 6.71 -8.71 -5.94
C GLU A 523 6.19 -7.29 -5.86
N SER A 524 6.31 -6.58 -6.99
CA SER A 524 5.86 -5.20 -7.07
C SER A 524 4.33 -5.13 -7.21
N ARG A 525 3.83 -3.89 -7.15
CA ARG A 525 2.43 -3.65 -7.44
C ARG A 525 2.14 -3.85 -8.93
N GLU A 526 3.13 -3.56 -9.78
CA GLU A 526 3.01 -3.88 -11.20
C GLU A 526 2.93 -5.39 -11.40
N ARG A 527 3.72 -6.16 -10.66
CA ARG A 527 3.64 -7.62 -10.75
C ARG A 527 2.32 -8.15 -10.20
N GLN A 528 1.78 -7.50 -9.17
CA GLN A 528 0.45 -7.84 -8.67
C GLN A 528 -0.62 -7.56 -9.73
N ALA A 529 -0.46 -6.45 -10.47
CA ALA A 529 -1.38 -6.16 -11.55
C ALA A 529 -1.22 -7.15 -12.70
N GLU A 530 -0.02 -7.70 -12.88
CA GLU A 530 0.15 -8.79 -13.85
C GLU A 530 -0.55 -10.05 -13.39
N GLU A 531 -0.59 -10.29 -12.07
CA GLU A 531 -1.27 -11.48 -11.57
C GLU A 531 -2.78 -11.36 -11.72
N GLU A 532 -3.35 -10.19 -11.40
CA GLU A 532 -4.80 -10.06 -11.54
C GLU A 532 -5.22 -9.94 -13.01
N ALA A 533 -4.34 -9.41 -13.86
CA ALA A 533 -4.59 -9.39 -15.30
C ALA A 533 -4.45 -10.78 -15.90
N ALA A 534 -3.69 -11.66 -15.26
CA ALA A 534 -3.61 -13.03 -15.74
C ALA A 534 -4.84 -13.82 -15.30
N ARG A 535 -5.21 -13.73 -14.02
CA ARG A 535 -6.26 -14.60 -13.50
C ARG A 535 -7.64 -14.20 -14.02
N ARG A 536 -7.89 -12.91 -14.28
CA ARG A 536 -9.21 -12.54 -14.78
C ARG A 536 -9.43 -13.02 -16.22
N ALA A 537 -8.38 -12.94 -17.05
CA ALA A 537 -8.50 -13.41 -18.43
C ALA A 537 -8.51 -14.93 -18.48
N HIS A 538 -7.73 -15.58 -17.61
CA HIS A 538 -7.64 -17.03 -17.62
C HIS A 538 -8.95 -17.65 -17.16
N ARG A 539 -9.51 -17.12 -16.06
CA ARG A 539 -10.75 -17.68 -15.55
C ARG A 539 -11.95 -17.33 -16.42
N LYS A 540 -11.92 -16.19 -17.12
CA LYS A 540 -12.98 -15.92 -18.09
C LYS A 540 -12.90 -16.89 -19.27
N ALA A 541 -11.68 -17.19 -19.74
CA ALA A 541 -11.56 -18.12 -20.87
C ALA A 541 -11.92 -19.53 -20.46
N ASN A 542 -11.60 -19.92 -19.21
CA ASN A 542 -11.94 -21.24 -18.72
C ASN A 542 -13.45 -21.40 -18.54
N ASP A 543 -14.12 -20.38 -18.00
CA ASP A 543 -15.57 -20.53 -17.84
C ASP A 543 -16.31 -20.43 -19.16
N ARG A 544 -15.72 -19.74 -20.15
CA ARG A 544 -16.35 -19.68 -21.47
C ARG A 544 -16.29 -21.03 -22.17
N ILE A 545 -15.11 -21.68 -22.15
CA ILE A 545 -15.06 -22.95 -22.85
C ILE A 545 -15.57 -24.09 -21.98
N ARG A 546 -15.70 -23.87 -20.66
CA ARG A 546 -16.41 -24.85 -19.83
C ARG A 546 -17.89 -24.84 -20.14
N ALA A 547 -18.48 -23.66 -20.34
CA ALA A 547 -19.88 -23.62 -20.78
C ALA A 547 -20.05 -24.16 -22.20
N GLU A 548 -19.04 -23.97 -23.06
CA GLU A 548 -19.10 -24.56 -24.40
C GLU A 548 -18.98 -26.08 -24.35
N LEU A 549 -18.16 -26.62 -23.46
CA LEU A 549 -18.05 -28.06 -23.33
C LEU A 549 -19.27 -28.66 -22.64
N ARG A 550 -19.91 -27.90 -21.74
CA ARG A 550 -21.18 -28.35 -21.17
C ARG A 550 -22.28 -28.37 -22.22
N ALA A 551 -22.24 -27.43 -23.17
CA ALA A 551 -23.17 -27.51 -24.30
C ALA A 551 -22.75 -28.55 -25.33
N SER A 552 -21.49 -29.00 -25.29
CA SER A 552 -21.02 -30.03 -26.22
C SER A 552 -21.35 -31.45 -25.76
N GLY A 553 -21.88 -31.62 -24.55
CA GLY A 553 -22.28 -32.93 -24.07
C GLY A 553 -21.33 -33.61 -23.11
N LEU A 554 -20.16 -33.03 -22.85
CA LEU A 554 -19.24 -33.64 -21.90
C LEU A 554 -19.75 -33.48 -20.47
N SER A 555 -19.75 -34.58 -19.71
CA SER A 555 -20.30 -34.56 -18.36
C SER A 555 -19.41 -33.79 -17.40
N ASP A 556 -18.10 -34.00 -17.47
CA ASP A 556 -17.15 -33.35 -16.56
C ASP A 556 -16.16 -32.50 -17.37
N PRO A 557 -16.36 -31.19 -17.43
CA PRO A 557 -15.31 -30.32 -17.99
C PRO A 557 -14.08 -30.33 -17.10
N SER A 558 -12.92 -30.35 -17.73
CA SER A 558 -11.68 -30.58 -16.99
C SER A 558 -10.57 -29.74 -17.61
N PRO A 559 -9.55 -29.35 -16.82
CA PRO A 559 -8.55 -28.40 -17.32
C PRO A 559 -7.75 -28.83 -18.54
N ALA A 560 -7.42 -30.12 -18.71
CA ALA A 560 -6.72 -30.52 -19.91
C ALA A 560 -7.65 -30.52 -21.12
N ASP A 561 -8.95 -30.71 -20.88
CA ASP A 561 -9.92 -30.50 -21.96
C ASP A 561 -10.02 -29.03 -22.31
N LEU A 562 -9.76 -28.14 -21.35
CA LEU A 562 -9.66 -26.72 -21.69
C LEU A 562 -8.37 -26.41 -22.44
N VAL A 563 -7.31 -27.18 -22.19
CA VAL A 563 -6.06 -26.98 -22.94
C VAL A 563 -6.25 -27.41 -24.39
N ARG A 564 -6.90 -28.55 -24.63
CA ARG A 564 -7.08 -28.98 -26.02
C ARG A 564 -8.13 -28.13 -26.71
N ALA A 565 -9.12 -27.60 -25.97
CA ALA A 565 -10.07 -26.68 -26.59
C ALA A 565 -9.41 -25.34 -26.92
N ARG A 566 -8.42 -24.93 -26.14
CA ARG A 566 -7.64 -23.74 -26.48
C ARG A 566 -6.78 -24.00 -27.72
N LEU A 567 -6.21 -25.20 -27.83
CA LEU A 567 -5.39 -25.49 -29.00
C LEU A 567 -6.22 -25.65 -30.27
N LEU A 568 -7.50 -26.01 -30.15
CA LEU A 568 -8.41 -25.92 -31.30
C LEU A 568 -8.93 -24.51 -31.52
N GLU A 569 -8.95 -23.67 -30.48
CA GLU A 569 -9.34 -22.28 -30.65
C GLU A 569 -8.22 -21.47 -31.31
N LEU A 570 -6.99 -21.95 -31.25
CA LEU A 570 -5.85 -21.24 -31.80
C LEU A 570 -5.34 -21.83 -33.11
N TYR A 571 -5.07 -23.14 -33.16
CA TYR A 571 -4.57 -23.72 -34.39
C TYR A 571 -5.66 -24.11 -35.37
N ASP A 572 -6.94 -23.98 -34.96
CA ASP A 572 -8.12 -24.32 -35.78
C ASP A 572 -8.07 -25.78 -36.25
N CYS A 573 -7.87 -26.69 -35.29
CA CYS A 573 -7.87 -28.14 -35.46
C CYS A 573 -6.82 -28.58 -36.49
N HIS A 574 -5.57 -28.32 -36.16
CA HIS A 574 -4.46 -28.55 -37.10
C HIS A 574 -3.30 -29.23 -36.40
N CYS A 575 -3.23 -30.56 -36.54
CA CYS A 575 -1.97 -31.30 -36.60
C CYS A 575 -0.96 -30.68 -37.57
N MET A 576 0.16 -30.18 -37.03
CA MET A 576 1.22 -29.61 -37.87
C MET A 576 1.98 -30.68 -38.63
N TYR A 577 2.35 -31.76 -37.94
CA TYR A 577 3.24 -32.76 -38.51
C TYR A 577 2.56 -33.70 -39.50
N CYS A 578 1.23 -33.67 -39.61
CA CYS A 578 0.52 -34.65 -40.41
C CYS A 578 -0.56 -34.06 -41.31
N GLY A 579 -0.80 -32.75 -41.27
CA GLY A 579 -1.92 -32.19 -42.00
C GLY A 579 -3.20 -32.58 -41.28
N ALA A 580 -4.19 -33.09 -42.04
CA ALA A 580 -5.33 -33.86 -41.56
C ALA A 580 -6.15 -33.22 -40.44
N PRO A 581 -7.01 -32.23 -40.74
CA PRO A 581 -7.87 -31.66 -39.69
C PRO A 581 -8.77 -32.70 -39.03
N ILE A 582 -8.93 -32.57 -37.72
CA ILE A 582 -9.46 -33.66 -36.89
C ILE A 582 -10.74 -33.26 -36.19
N SER A 583 -11.33 -34.21 -35.48
CA SER A 583 -12.48 -34.00 -34.60
C SER A 583 -12.02 -34.19 -33.14
N TRP A 584 -12.99 -34.20 -32.23
CA TRP A 584 -12.71 -34.32 -30.80
C TRP A 584 -12.21 -35.71 -30.41
N GLU A 585 -12.54 -36.75 -31.18
CA GLU A 585 -12.19 -38.11 -30.78
C GLU A 585 -10.71 -38.40 -30.97
N ASN A 586 -10.11 -37.89 -32.05
CA ASN A 586 -8.71 -38.18 -32.37
C ASN A 586 -7.82 -37.01 -31.93
N SER A 587 -7.76 -36.81 -30.61
CA SER A 587 -6.94 -35.72 -30.07
C SER A 587 -5.54 -36.23 -29.69
N GLU A 588 -5.48 -37.12 -28.69
CA GLU A 588 -4.26 -37.77 -28.19
C GLU A 588 -3.15 -36.75 -27.89
N LEU A 589 -3.40 -35.94 -26.85
CA LEU A 589 -2.54 -34.82 -26.52
C LEU A 589 -1.12 -35.26 -26.13
N ASP A 590 -0.14 -34.54 -26.67
CA ASP A 590 1.27 -34.88 -26.49
C ASP A 590 2.05 -33.61 -26.21
N HIS A 591 3.25 -33.79 -25.66
CA HIS A 591 4.12 -32.70 -25.28
C HIS A 591 5.29 -32.62 -26.26
N ILE A 592 5.82 -31.40 -26.45
CA ILE A 592 6.99 -31.22 -27.30
C ILE A 592 8.22 -31.82 -26.64
N VAL A 593 8.43 -31.52 -25.37
CA VAL A 593 9.55 -32.06 -24.59
C VAL A 593 9.01 -33.21 -23.74
N PRO A 594 9.67 -34.39 -23.77
CA PRO A 594 9.22 -35.49 -22.90
C PRO A 594 9.42 -35.17 -21.43
N ARG A 595 8.53 -35.72 -20.60
CA ARG A 595 8.55 -35.42 -19.16
C ARG A 595 9.76 -36.03 -18.47
N THR A 596 10.26 -37.16 -18.95
CA THR A 596 11.47 -37.74 -18.40
C THR A 596 12.70 -36.96 -18.84
N ASP A 597 12.63 -36.28 -19.98
CA ASP A 597 13.78 -35.56 -20.55
C ASP A 597 13.71 -34.06 -20.26
N GLY A 598 13.22 -33.69 -19.07
CA GLY A 598 13.22 -32.30 -18.64
C GLY A 598 11.93 -31.55 -18.87
N GLY A 599 10.94 -32.17 -19.51
CA GLY A 599 9.68 -31.52 -19.76
C GLY A 599 8.73 -31.58 -18.59
N SER A 600 7.58 -30.94 -18.77
CA SER A 600 6.53 -30.90 -17.75
C SER A 600 5.20 -30.70 -18.46
N ASN A 601 4.16 -30.36 -17.69
CA ASN A 601 2.82 -30.17 -18.22
C ASN A 601 2.52 -28.71 -18.55
N ARG A 602 3.53 -27.96 -18.97
CA ARG A 602 3.35 -26.55 -19.29
C ARG A 602 2.55 -26.39 -20.59
N HIS A 603 1.92 -25.21 -20.72
CA HIS A 603 1.14 -24.93 -21.93
C HIS A 603 2.05 -24.71 -23.13
N GLU A 604 3.27 -24.23 -22.91
CA GLU A 604 4.24 -24.11 -23.99
C GLU A 604 4.68 -25.48 -24.49
N ASN A 605 4.89 -26.42 -23.57
CA ASN A 605 5.33 -27.76 -23.95
C ASN A 605 4.22 -28.57 -24.61
N LEU A 606 2.97 -28.35 -24.21
CA LEU A 606 1.85 -29.10 -24.78
C LEU A 606 1.58 -28.65 -26.21
N ALA A 607 1.28 -29.61 -27.09
CA ALA A 607 1.00 -29.30 -28.48
C ALA A 607 -0.14 -30.17 -28.97
N ILE A 608 -0.89 -29.65 -29.93
CA ILE A 608 -2.04 -30.37 -30.47
C ILE A 608 -1.52 -31.43 -31.45
N THR A 609 -2.16 -32.60 -31.42
CA THR A 609 -1.74 -33.72 -32.25
C THR A 609 -2.94 -34.25 -33.03
N CYS A 610 -2.65 -35.22 -33.91
CA CYS A 610 -3.64 -35.82 -34.79
C CYS A 610 -3.69 -37.33 -34.67
N GLY A 611 -2.96 -37.91 -33.73
CA GLY A 611 -2.84 -39.35 -33.62
C GLY A 611 -1.69 -39.88 -34.46
N ALA A 612 -1.72 -39.58 -35.76
CA ALA A 612 -0.60 -39.92 -36.63
C ALA A 612 0.61 -39.04 -36.33
N CYS A 613 0.39 -37.82 -35.86
CA CYS A 613 1.47 -36.96 -35.38
C CYS A 613 1.70 -37.09 -33.89
N ASN A 614 1.43 -38.27 -33.32
CA ASN A 614 1.68 -38.59 -31.92
C ASN A 614 2.66 -39.73 -31.75
N LYS A 615 2.58 -40.77 -32.58
CA LYS A 615 3.42 -41.95 -32.45
C LYS A 615 4.69 -41.86 -33.29
N GLU A 616 4.96 -40.70 -33.89
CA GLU A 616 6.13 -40.54 -34.75
C GLU A 616 7.30 -39.84 -34.09
N LYS A 617 7.10 -39.20 -32.93
CA LYS A 617 8.22 -38.53 -32.26
C LYS A 617 9.19 -39.55 -31.67
N GLY A 618 8.67 -40.50 -30.88
CA GLY A 618 9.43 -41.63 -30.40
C GLY A 618 10.64 -41.34 -29.53
N ARG A 619 10.46 -40.48 -28.51
CA ARG A 619 11.41 -40.16 -27.43
C ARG A 619 12.59 -39.31 -27.92
N ARG A 620 12.69 -39.05 -29.23
CA ARG A 620 13.78 -38.27 -29.80
C ARG A 620 13.57 -36.79 -29.52
N PRO A 621 14.64 -35.98 -29.59
CA PRO A 621 14.48 -34.53 -29.46
C PRO A 621 13.59 -33.93 -30.54
N PHE A 622 12.80 -32.95 -30.15
CA PHE A 622 11.86 -32.32 -31.06
C PHE A 622 12.58 -31.30 -31.92
N ALA A 623 12.18 -31.24 -33.20
CA ALA A 623 12.72 -30.36 -34.24
C ALA A 623 14.22 -30.58 -34.49
N SER A 624 14.73 -31.77 -34.16
CA SER A 624 16.08 -32.17 -34.51
C SER A 624 16.09 -33.39 -35.42
N TRP A 625 15.38 -34.46 -35.03
CA TRP A 625 15.18 -35.58 -35.95
C TRP A 625 14.19 -35.22 -37.05
N ALA A 626 13.30 -34.26 -36.80
CA ALA A 626 12.24 -33.92 -37.75
C ALA A 626 12.80 -33.30 -39.03
N GLU A 627 13.84 -32.46 -38.92
CA GLU A 627 14.47 -31.92 -40.11
C GLU A 627 15.30 -32.98 -40.84
N THR A 628 15.87 -33.92 -40.11
CA THR A 628 16.63 -35.03 -40.71
C THR A 628 15.75 -36.26 -40.92
N SER A 629 14.59 -36.04 -41.55
CA SER A 629 13.64 -37.11 -41.85
C SER A 629 12.66 -36.62 -42.89
N ASN A 630 11.86 -37.55 -43.42
CA ASN A 630 10.84 -37.24 -44.39
C ASN A 630 9.55 -36.81 -43.69
N ARG A 631 8.51 -36.56 -44.49
CA ARG A 631 7.11 -36.35 -44.10
C ARG A 631 6.85 -35.01 -43.40
N VAL A 632 7.90 -34.26 -43.07
CA VAL A 632 7.77 -32.97 -42.40
C VAL A 632 9.06 -32.18 -42.65
N GLN A 633 8.94 -30.87 -42.67
CA GLN A 633 10.08 -29.99 -42.91
C GLN A 633 10.16 -28.94 -41.81
N LEU A 634 11.36 -28.38 -41.65
CA LEU A 634 11.67 -27.35 -40.68
C LEU A 634 11.91 -26.04 -41.45
N ARG A 635 12.31 -25.00 -40.71
CA ARG A 635 12.61 -23.61 -41.11
C ARG A 635 11.36 -22.80 -41.44
N ASP A 636 10.18 -23.40 -41.45
CA ASP A 636 8.93 -22.66 -41.59
C ASP A 636 8.08 -22.67 -40.33
N VAL A 637 8.52 -23.41 -39.31
CA VAL A 637 7.75 -23.50 -38.06
C VAL A 637 7.90 -22.23 -37.25
N ILE A 638 9.13 -21.73 -37.14
CA ILE A 638 9.39 -20.52 -36.37
C ILE A 638 8.77 -19.31 -37.06
N ASP A 639 8.88 -19.24 -38.38
CA ASP A 639 8.32 -18.12 -39.12
C ASP A 639 6.79 -18.15 -39.11
N ARG A 640 6.22 -19.37 -39.16
CA ARG A 640 4.77 -19.50 -39.16
C ARG A 640 4.18 -19.17 -37.80
N VAL A 641 4.87 -19.56 -36.72
CA VAL A 641 4.39 -19.22 -35.38
C VAL A 641 4.53 -17.72 -35.15
N GLN A 642 5.70 -17.15 -35.50
CA GLN A 642 5.98 -15.75 -35.23
C GLN A 642 5.18 -14.79 -36.12
N LYS A 643 4.60 -15.26 -37.23
CA LYS A 643 3.80 -14.36 -38.05
C LYS A 643 2.31 -14.44 -37.74
N LEU A 644 1.91 -15.22 -36.74
CA LEU A 644 0.51 -15.36 -36.38
C LEU A 644 -0.01 -14.10 -35.67
N LYS A 645 -1.32 -13.92 -35.72
CA LYS A 645 -2.00 -12.72 -35.23
C LYS A 645 -2.50 -12.91 -33.80
N TYR A 646 -2.37 -11.86 -32.99
CA TYR A 646 -2.92 -11.85 -31.63
C TYR A 646 -4.40 -11.51 -31.67
N SER A 647 -5.24 -12.39 -31.14
CA SER A 647 -6.68 -12.22 -31.18
C SER A 647 -7.14 -11.28 -30.07
N GLY A 648 -8.45 -11.03 -30.03
CA GLY A 648 -9.03 -10.11 -29.06
C GLY A 648 -9.05 -10.62 -27.63
N ASN A 649 -9.84 -11.66 -27.37
CA ASN A 649 -9.98 -12.21 -26.02
C ASN A 649 -9.74 -13.71 -26.05
N MET A 650 -8.81 -14.18 -25.23
CA MET A 650 -8.47 -15.59 -25.12
C MET A 650 -7.82 -15.83 -23.75
N TYR A 651 -7.13 -16.97 -23.62
CA TYR A 651 -6.44 -17.33 -22.39
C TYR A 651 -5.32 -16.34 -22.07
N TRP A 652 -4.54 -15.94 -23.07
CA TRP A 652 -3.41 -15.06 -22.88
C TRP A 652 -3.76 -13.62 -23.26
N THR A 653 -3.04 -12.67 -22.66
CA THR A 653 -3.18 -11.27 -22.99
C THR A 653 -2.17 -10.92 -24.09
N ARG A 654 -2.04 -9.62 -24.40
CA ARG A 654 -1.14 -9.18 -25.46
C ARG A 654 0.33 -9.40 -25.11
N ASP A 655 0.70 -9.18 -23.86
CA ASP A 655 2.09 -9.43 -23.45
C ASP A 655 2.34 -10.92 -23.26
N GLU A 656 1.34 -11.64 -22.76
CA GLU A 656 1.51 -13.06 -22.48
C GLU A 656 1.54 -13.87 -23.76
N PHE A 657 0.90 -13.39 -24.83
CA PHE A 657 0.94 -14.12 -26.08
C PHE A 657 2.31 -14.01 -26.74
N SER A 658 2.94 -12.83 -26.65
CA SER A 658 4.30 -12.68 -27.15
C SER A 658 5.30 -13.48 -26.30
N ARG A 659 5.08 -13.52 -24.98
CA ARG A 659 5.95 -14.34 -24.13
C ARG A 659 5.75 -15.83 -24.41
N TYR A 660 4.51 -16.24 -24.69
CA TYR A 660 4.20 -17.62 -25.02
C TYR A 660 4.84 -18.02 -26.34
N LYS A 661 4.82 -17.10 -27.32
CA LYS A 661 5.37 -17.42 -28.64
C LYS A 661 6.89 -17.46 -28.58
N LYS A 662 7.51 -16.59 -27.76
CA LYS A 662 8.96 -16.58 -27.67
C LYS A 662 9.46 -17.78 -26.88
N SER A 663 8.71 -18.22 -25.87
CA SER A 663 9.13 -19.39 -25.12
C SER A 663 8.89 -20.67 -25.92
N VAL A 664 7.85 -20.68 -26.76
CA VAL A 664 7.61 -21.83 -27.63
C VAL A 664 8.71 -21.94 -28.67
N VAL A 665 9.13 -20.81 -29.27
CA VAL A 665 10.23 -20.84 -30.24
C VAL A 665 11.53 -21.26 -29.56
N ALA A 666 11.78 -20.78 -28.33
CA ALA A 666 12.97 -21.17 -27.59
C ALA A 666 12.97 -22.66 -27.23
N ARG A 667 11.79 -23.24 -26.98
CA ARG A 667 11.73 -24.69 -26.78
C ARG A 667 11.66 -25.48 -28.09
N LEU A 668 11.36 -24.81 -29.21
CA LEU A 668 11.47 -25.42 -30.53
C LEU A 668 12.89 -25.37 -31.07
N LYS A 669 13.78 -24.63 -30.43
CA LYS A 669 15.16 -24.51 -30.93
C LYS A 669 16.09 -25.58 -30.38
N ARG A 670 15.58 -26.54 -29.61
CA ARG A 670 16.42 -27.57 -29.02
C ARG A 670 16.83 -28.60 -30.07
N ARG A 671 18.12 -28.91 -30.11
CA ARG A 671 18.63 -30.02 -30.92
C ARG A 671 19.47 -30.96 -30.07
N THR A 672 19.44 -30.81 -28.76
CA THR A 672 20.15 -31.68 -27.83
C THR A 672 19.33 -31.72 -26.54
N SER A 673 19.95 -32.17 -25.45
CA SER A 673 19.27 -32.26 -24.18
C SER A 673 19.01 -30.88 -23.58
N ASP A 674 17.87 -30.76 -22.90
CA ASP A 674 17.50 -29.55 -22.17
C ASP A 674 17.27 -29.88 -20.69
N PRO A 675 18.33 -30.06 -19.93
CA PRO A 675 18.21 -30.58 -18.57
C PRO A 675 17.69 -29.53 -17.60
N GLU A 676 17.07 -29.99 -16.50
CA GLU A 676 16.68 -31.33 -16.02
C GLU A 676 15.40 -31.22 -15.16
N VAL A 677 15.15 -32.23 -14.33
CA VAL A 677 13.85 -32.46 -13.72
C VAL A 677 14.03 -31.99 -12.26
N ILE A 678 14.70 -30.83 -12.13
CA ILE A 678 15.11 -30.23 -10.87
C ILE A 678 13.94 -30.08 -9.89
N GLN A 679 14.13 -30.58 -8.66
CA GLN A 679 13.18 -30.33 -7.58
C GLN A 679 13.96 -30.33 -6.26
N SER A 680 14.38 -29.13 -5.84
CA SER A 680 14.98 -28.95 -4.52
C SER A 680 14.73 -27.49 -4.15
N ILE A 681 13.69 -27.25 -3.35
CA ILE A 681 13.20 -25.90 -3.08
C ILE A 681 13.50 -25.52 -1.64
N GLU A 682 14.34 -24.49 -1.49
CA GLU A 682 14.49 -23.72 -0.28
C GLU A 682 14.40 -22.25 -0.66
N SER A 683 13.68 -21.47 0.14
CA SER A 683 13.36 -20.10 -0.26
C SER A 683 14.61 -19.24 -0.21
N THR A 684 14.84 -18.51 -1.30
CA THR A 684 16.10 -17.78 -1.44
C THR A 684 15.91 -16.34 -1.88
N GLY A 685 14.74 -15.74 -1.64
CA GLY A 685 14.54 -14.34 -1.99
C GLY A 685 15.24 -13.42 -1.01
N TYR A 686 15.03 -12.11 -1.21
CA TYR A 686 15.72 -11.13 -0.38
C TYR A 686 15.26 -11.24 1.08
N ALA A 687 13.93 -11.29 1.28
CA ALA A 687 13.38 -11.47 2.62
C ALA A 687 13.79 -12.81 3.20
N ALA A 688 13.88 -13.84 2.34
CA ALA A 688 14.28 -15.17 2.78
C ALA A 688 15.71 -15.19 3.29
N VAL A 689 16.65 -14.62 2.53
CA VAL A 689 18.06 -14.62 2.93
C VAL A 689 18.26 -13.73 4.15
N ALA A 690 17.54 -12.60 4.22
CA ALA A 690 17.63 -11.71 5.38
C ALA A 690 17.14 -12.43 6.63
N LEU A 691 16.01 -13.12 6.52
CA LEU A 691 15.46 -13.86 7.63
C LEU A 691 16.35 -15.05 8.02
N ARG A 692 16.96 -15.73 7.02
CA ARG A 692 17.85 -16.84 7.35
C ARG A 692 19.10 -16.36 8.05
N ASP A 693 19.66 -15.24 7.62
CA ASP A 693 20.87 -14.72 8.23
C ASP A 693 20.59 -14.25 9.66
N ARG A 694 19.46 -13.58 9.88
CA ARG A 694 19.15 -13.11 11.22
C ARG A 694 18.77 -14.25 12.16
N LEU A 695 18.03 -15.24 11.66
CA LEU A 695 17.69 -16.38 12.49
C LEU A 695 18.87 -17.30 12.74
N LEU A 696 19.79 -17.40 11.78
CA LEU A 696 21.03 -18.15 12.02
C LEU A 696 21.93 -17.43 12.99
N SER A 697 21.94 -16.09 12.98
CA SER A 697 22.66 -15.34 14.00
C SER A 697 22.08 -15.58 15.39
N TYR A 698 20.75 -15.59 15.49
CA TYR A 698 20.11 -15.94 16.77
C TYR A 698 20.43 -17.38 17.16
N GLY A 699 20.46 -18.28 16.19
CA GLY A 699 20.76 -19.67 16.47
C GLY A 699 22.18 -19.89 16.96
N GLU A 700 23.12 -19.15 16.39
CA GLU A 700 24.49 -19.22 16.88
C GLU A 700 24.62 -18.58 18.26
N LYS A 701 23.85 -17.53 18.54
CA LYS A 701 23.90 -16.93 19.87
C LYS A 701 23.15 -17.72 20.94
N ASN A 702 22.24 -18.62 20.55
CA ASN A 702 21.36 -19.26 21.53
C ASN A 702 21.29 -20.77 21.47
N GLY A 703 22.03 -21.42 20.56
CA GLY A 703 22.08 -22.86 20.53
C GLY A 703 20.93 -23.54 19.81
N VAL A 704 20.36 -22.90 18.79
CA VAL A 704 19.35 -23.56 17.97
C VAL A 704 20.04 -24.55 17.04
N ALA A 705 19.50 -25.77 16.97
CA ALA A 705 20.16 -26.84 16.22
C ALA A 705 20.11 -26.60 14.73
N GLN A 706 18.93 -26.28 14.20
CA GLN A 706 18.81 -26.03 12.77
C GLN A 706 17.77 -24.95 12.53
N VAL A 707 17.99 -24.17 11.48
CA VAL A 707 17.05 -23.16 11.00
C VAL A 707 16.78 -23.46 9.53
N ALA A 708 15.53 -23.74 9.21
CA ALA A 708 15.14 -24.13 7.85
C ALA A 708 14.10 -23.15 7.33
N VAL A 709 14.34 -22.64 6.13
CA VAL A 709 13.42 -21.72 5.46
C VAL A 709 12.99 -22.34 4.14
N PHE A 710 11.69 -22.55 3.99
CA PHE A 710 11.11 -23.17 2.80
C PHE A 710 10.35 -22.11 2.02
N ARG A 711 9.86 -22.49 0.85
CA ARG A 711 9.03 -21.62 0.03
C ARG A 711 7.66 -22.26 -0.16
N GLY A 712 6.80 -21.56 -0.92
CA GLY A 712 5.48 -22.09 -1.18
C GLY A 712 4.58 -22.03 0.05
N GLY A 713 3.67 -23.00 0.15
CA GLY A 713 3.47 -24.06 -0.82
C GLY A 713 3.64 -25.45 -0.27
N VAL A 714 4.24 -25.55 0.92
CA VAL A 714 4.49 -26.84 1.55
C VAL A 714 3.56 -27.09 2.74
N THR A 715 3.19 -26.05 3.49
CA THR A 715 2.33 -26.23 4.64
C THR A 715 0.89 -26.54 4.24
N ALA A 716 0.46 -26.09 3.07
CA ALA A 716 -0.84 -26.50 2.54
C ALA A 716 -0.86 -28.00 2.26
N GLU A 717 0.25 -28.51 1.73
CA GLU A 717 0.40 -29.96 1.53
C GLU A 717 0.41 -30.70 2.87
N ALA A 718 1.15 -30.17 3.84
CA ALA A 718 1.24 -30.82 5.14
C ALA A 718 -0.09 -30.80 5.88
N ARG A 719 -0.94 -29.81 5.60
CA ARG A 719 -2.27 -29.78 6.19
C ARG A 719 -3.22 -30.73 5.46
N ARG A 720 -3.15 -30.79 4.13
CA ARG A 720 -4.10 -31.63 3.40
C ARG A 720 -3.77 -33.11 3.52
N TRP A 721 -2.52 -33.48 3.80
CA TRP A 721 -2.23 -34.87 4.11
C TRP A 721 -2.39 -35.20 5.59
N LEU A 722 -2.78 -34.23 6.42
CA LEU A 722 -3.00 -34.48 7.85
C LEU A 722 -4.46 -34.30 8.26
N ASP A 723 -5.36 -34.09 7.30
CA ASP A 723 -6.79 -33.84 7.51
C ASP A 723 -7.01 -32.65 8.46
N ILE A 724 -6.46 -31.52 8.07
CA ILE A 724 -6.58 -30.27 8.82
C ILE A 724 -7.20 -29.25 7.90
N SER A 725 -8.44 -28.86 8.19
CA SER A 725 -9.15 -27.84 7.44
C SER A 725 -9.46 -26.68 8.36
N ILE A 726 -9.19 -25.46 7.89
CA ILE A 726 -9.40 -24.26 8.69
C ILE A 726 -10.88 -24.04 8.94
N GLU A 727 -11.72 -24.33 7.94
CA GLU A 727 -13.17 -24.14 8.05
C GLU A 727 -13.77 -25.07 9.09
N ARG A 728 -13.29 -26.31 9.17
CA ARG A 728 -13.75 -27.21 10.23
C ARG A 728 -13.12 -26.84 11.56
N LEU A 729 -11.88 -26.34 11.54
CA LEU A 729 -11.15 -26.03 12.77
C LEU A 729 -11.78 -24.85 13.52
N PHE A 730 -12.22 -23.82 12.80
CA PHE A 730 -12.74 -22.61 13.41
C PHE A 730 -14.24 -22.43 13.20
N SER A 731 -14.94 -23.51 12.80
CA SER A 731 -16.40 -23.56 12.67
C SER A 731 -16.94 -22.51 11.70
N ARG A 732 -16.20 -22.27 10.61
CA ARG A 732 -16.58 -21.26 9.64
C ARG A 732 -17.67 -21.79 8.71
N VAL A 733 -18.73 -21.00 8.55
CA VAL A 733 -19.79 -21.37 7.62
C VAL A 733 -19.29 -21.25 6.18
N ALA A 734 -19.94 -21.98 5.28
CA ALA A 734 -19.58 -21.95 3.88
C ALA A 734 -19.96 -20.62 3.25
N ILE A 735 -19.01 -20.02 2.54
CA ILE A 735 -19.25 -18.75 1.85
C ILE A 735 -19.42 -18.92 0.35
N PHE A 736 -18.89 -20.00 -0.24
CA PHE A 736 -19.06 -20.30 -1.64
C PHE A 736 -20.13 -21.37 -1.82
N ALA A 737 -21.01 -21.14 -2.80
CA ALA A 737 -22.11 -22.09 -3.05
C ALA A 737 -21.60 -23.43 -3.55
N GLN A 738 -20.61 -23.42 -4.43
CA GLN A 738 -19.98 -24.62 -4.93
C GLN A 738 -18.48 -24.53 -4.70
N SER A 739 -17.77 -25.61 -5.04
CA SER A 739 -16.32 -25.78 -4.90
C SER A 739 -15.83 -25.70 -3.46
N THR A 740 -14.52 -25.80 -3.28
CA THR A 740 -13.93 -25.80 -1.95
C THR A 740 -13.90 -24.39 -1.38
N SER A 741 -14.21 -24.28 -0.09
CA SER A 741 -14.06 -23.02 0.62
C SER A 741 -12.60 -22.71 0.85
N THR A 742 -12.28 -21.42 0.87
CA THR A 742 -10.91 -20.96 1.01
C THR A 742 -10.52 -20.90 2.49
N LYS A 743 -9.32 -21.38 2.79
CA LYS A 743 -8.76 -21.26 4.14
C LYS A 743 -8.37 -19.84 4.50
N ARG A 744 -8.30 -18.94 3.53
CA ARG A 744 -7.81 -17.59 3.75
C ARG A 744 -8.85 -16.66 4.36
N LEU A 745 -10.08 -17.13 4.59
CA LEU A 745 -11.11 -16.28 5.19
C LEU A 745 -10.79 -15.98 6.64
N ASP A 746 -10.46 -17.00 7.43
CA ASP A 746 -10.10 -16.79 8.82
C ASP A 746 -8.63 -16.42 8.90
N ARG A 747 -8.33 -15.35 9.65
CA ARG A 747 -6.96 -14.86 9.77
C ARG A 747 -6.11 -15.72 10.69
N ARG A 748 -6.71 -16.64 11.45
CA ARG A 748 -5.97 -17.56 12.31
C ARG A 748 -5.29 -18.68 11.55
N HIS A 749 -5.54 -18.80 10.24
CA HIS A 749 -4.92 -19.85 9.44
C HIS A 749 -3.41 -19.64 9.33
N HIS A 750 -2.93 -18.40 9.45
CA HIS A 750 -1.49 -18.16 9.46
C HIS A 750 -0.84 -18.78 10.70
N ALA A 751 -1.49 -18.65 11.86
CA ALA A 751 -0.97 -19.29 13.06
C ALA A 751 -1.08 -20.81 12.98
N VAL A 752 -2.15 -21.32 12.34
CA VAL A 752 -2.28 -22.76 12.17
C VAL A 752 -1.18 -23.29 11.25
N ASP A 753 -0.88 -22.58 10.16
CA ASP A 753 0.22 -22.96 9.29
C ASP A 753 1.58 -22.86 9.98
N ALA A 754 1.74 -21.92 10.91
CA ALA A 754 2.98 -21.87 11.70
C ALA A 754 3.09 -23.09 12.62
N VAL A 755 1.96 -23.49 13.23
CA VAL A 755 1.89 -24.68 14.07
C VAL A 755 2.25 -25.93 13.27
N VAL A 756 1.71 -26.04 12.06
CA VAL A 756 2.01 -27.18 11.19
C VAL A 756 3.45 -27.12 10.72
N LEU A 757 3.98 -25.90 10.48
CA LEU A 757 5.36 -25.72 10.04
C LEU A 757 6.36 -26.18 11.08
N THR A 758 5.99 -26.15 12.37
CA THR A 758 6.88 -26.69 13.40
C THR A 758 7.16 -28.19 13.21
N THR A 759 6.23 -28.92 12.60
CA THR A 759 6.41 -30.35 12.37
C THR A 759 7.36 -30.65 11.23
N LEU A 760 7.49 -29.73 10.27
CA LEU A 760 8.23 -30.00 9.05
C LEU A 760 9.74 -30.07 9.30
N THR A 761 10.39 -30.92 8.52
CA THR A 761 11.82 -31.05 8.36
C THR A 761 12.07 -30.94 6.86
N PRO A 762 13.31 -30.58 6.44
CA PRO A 762 13.56 -30.43 4.99
C PRO A 762 13.33 -31.69 4.16
N GLY A 763 13.57 -32.88 4.73
CA GLY A 763 13.29 -34.11 4.00
C GLY A 763 11.82 -34.31 3.73
N VAL A 764 10.97 -34.12 4.75
CA VAL A 764 9.54 -34.30 4.54
C VAL A 764 8.97 -33.13 3.74
N ALA A 765 9.61 -31.95 3.77
CA ALA A 765 9.19 -30.84 2.93
C ALA A 765 9.48 -31.13 1.47
N LYS A 766 10.63 -31.73 1.18
CA LYS A 766 10.93 -32.16 -0.18
C LYS A 766 10.00 -33.28 -0.64
N THR A 767 9.63 -34.17 0.28
CA THR A 767 8.67 -35.23 -0.04
C THR A 767 7.29 -34.65 -0.38
N LEU A 768 6.83 -33.66 0.40
CA LEU A 768 5.55 -33.02 0.12
C LEU A 768 5.59 -32.21 -1.17
N ALA A 769 6.73 -31.58 -1.47
CA ALA A 769 6.89 -30.88 -2.74
C ALA A 769 6.85 -31.86 -3.91
N ASP A 770 7.47 -33.03 -3.75
CA ASP A 770 7.41 -34.08 -4.76
C ASP A 770 5.98 -34.55 -4.99
N ALA A 771 5.23 -34.72 -3.90
CA ALA A 771 3.82 -35.12 -4.00
C ALA A 771 2.98 -34.06 -4.72
N ARG A 772 3.22 -32.79 -4.40
CA ARG A 772 2.49 -31.71 -5.05
C ARG A 772 2.83 -31.63 -6.54
N SER A 773 4.10 -31.81 -6.89
CA SER A 773 4.50 -31.72 -8.30
C SER A 773 3.98 -32.91 -9.10
N ARG A 774 3.96 -34.10 -8.50
CA ARG A 774 3.40 -35.24 -9.21
C ARG A 774 1.88 -35.16 -9.29
N ARG A 775 1.25 -34.47 -8.33
CA ARG A 775 -0.19 -34.26 -8.40
C ARG A 775 -0.53 -33.27 -9.50
N VAL A 776 0.20 -32.16 -9.60
CA VAL A 776 -0.11 -31.20 -10.65
C VAL A 776 0.38 -31.67 -12.01
N SER A 777 1.29 -32.63 -12.06
CA SER A 777 1.63 -33.29 -13.32
C SER A 777 0.54 -34.24 -13.77
N ALA A 778 -0.10 -34.95 -12.82
CA ALA A 778 -1.18 -35.86 -13.17
C ALA A 778 -2.55 -35.21 -13.07
N GLU A 779 -2.60 -33.91 -12.78
CA GLU A 779 -3.87 -33.18 -12.79
C GLU A 779 -4.41 -33.00 -14.19
N PHE A 780 -3.52 -32.93 -15.18
CA PHE A 780 -3.92 -32.88 -16.58
C PHE A 780 -3.81 -34.22 -17.30
N TRP A 781 -3.06 -35.17 -16.73
CA TRP A 781 -2.91 -36.47 -17.37
C TRP A 781 -4.19 -37.30 -17.25
N ARG A 782 -4.77 -37.35 -16.05
CA ARG A 782 -6.03 -38.04 -15.82
C ARG A 782 -7.24 -37.18 -16.16
N ARG A 783 -7.03 -35.93 -16.56
CA ARG A 783 -8.11 -35.00 -16.85
C ARG A 783 -8.79 -35.31 -18.18
N PRO A 784 -8.02 -35.66 -19.22
CA PRO A 784 -8.60 -35.90 -20.55
C PRO A 784 -9.29 -37.26 -20.67
N SER A 791 -2.79 -40.52 -9.86
CA SER A 791 -3.77 -39.48 -9.52
C SER A 791 -4.72 -39.97 -8.44
N THR A 792 -4.38 -39.73 -7.17
CA THR A 792 -3.18 -39.04 -6.71
C THR A 792 -2.27 -40.00 -5.95
N GLU A 793 -1.02 -40.10 -6.41
CA GLU A 793 -0.05 -41.02 -5.80
C GLU A 793 0.41 -40.43 -4.47
N GLU A 794 0.21 -41.18 -3.39
CA GLU A 794 0.57 -40.73 -2.06
C GLU A 794 2.09 -40.72 -1.88
N PRO A 795 2.62 -39.90 -0.97
CA PRO A 795 4.06 -39.90 -0.72
C PRO A 795 4.56 -41.23 -0.20
N GLN A 796 5.75 -41.64 -0.68
CA GLN A 796 6.33 -42.94 -0.36
C GLN A 796 7.74 -42.73 0.20
N SER A 797 7.82 -42.55 1.52
CA SER A 797 9.11 -42.40 2.18
C SER A 797 8.98 -42.79 3.64
N PRO A 798 10.00 -43.40 4.25
CA PRO A 798 9.96 -43.64 5.70
C PRO A 798 9.93 -42.36 6.50
N ALA A 799 10.54 -41.29 6.00
CA ALA A 799 10.47 -39.99 6.66
C ALA A 799 9.04 -39.46 6.66
N TYR A 800 8.32 -39.60 5.54
CA TYR A 800 6.92 -39.20 5.48
C TYR A 800 6.06 -40.05 6.40
N ARG A 801 6.35 -41.36 6.48
CA ARG A 801 5.60 -42.24 7.37
C ARG A 801 5.83 -41.88 8.83
N GLN A 802 7.08 -41.60 9.21
CA GLN A 802 7.40 -41.22 10.57
C GLN A 802 6.78 -39.87 10.92
N TRP A 803 6.79 -38.93 9.97
CA TRP A 803 6.20 -37.61 10.21
C TRP A 803 4.68 -37.70 10.36
N LYS A 804 4.02 -38.53 9.53
CA LYS A 804 2.58 -38.65 9.62
C LYS A 804 2.17 -39.40 10.89
N GLU A 805 2.97 -40.38 11.31
CA GLU A 805 2.71 -41.07 12.57
C GLU A 805 2.93 -40.12 13.76
N SER A 806 3.95 -39.25 13.66
CA SER A 806 4.24 -38.32 14.74
C SER A 806 3.19 -37.22 14.87
N CYS A 807 2.56 -36.83 13.77
CA CYS A 807 1.59 -35.74 13.79
C CYS A 807 0.15 -36.23 13.89
N SER A 808 -0.08 -37.34 14.60
CA SER A 808 -1.44 -37.81 14.83
C SER A 808 -2.16 -36.94 15.85
N GLY A 809 -1.46 -36.52 16.90
CA GLY A 809 -2.08 -35.69 17.92
C GLY A 809 -2.13 -34.22 17.61
N LEU A 810 -1.52 -33.79 16.51
CA LEU A 810 -1.50 -32.38 16.12
C LEU A 810 -2.90 -31.85 15.86
N GLY A 811 -3.75 -32.67 15.25
CA GLY A 811 -5.13 -32.26 15.03
C GLY A 811 -5.89 -32.05 16.31
N ASP A 812 -5.74 -32.98 17.27
CA ASP A 812 -6.43 -32.86 18.55
C ASP A 812 -5.93 -31.65 19.33
N LEU A 813 -4.62 -31.35 19.24
CA LEU A 813 -4.11 -30.11 19.82
C LEU A 813 -4.67 -28.88 19.12
N LEU A 814 -4.91 -28.96 17.80
CA LEU A 814 -5.43 -27.80 17.07
C LEU A 814 -6.88 -27.49 17.42
N ILE A 815 -7.75 -28.52 17.47
CA ILE A 815 -9.12 -28.30 17.97
C ILE A 815 -9.12 -27.89 19.44
N SER A 816 -8.23 -28.46 20.26
CA SER A 816 -8.17 -28.09 21.68
C SER A 816 -7.75 -26.63 21.86
N THR A 817 -6.83 -26.15 21.03
CA THR A 817 -6.39 -24.77 21.11
C THR A 817 -7.46 -23.83 20.54
N ALA A 818 -8.12 -24.23 19.45
CA ALA A 818 -9.10 -23.37 18.81
C ALA A 818 -10.40 -23.25 19.63
N ALA A 819 -10.79 -24.30 20.34
CA ALA A 819 -12.06 -24.26 21.06
C ALA A 819 -11.97 -23.37 22.30
N ARG A 820 -10.79 -23.21 22.88
CA ARG A 820 -10.60 -22.38 24.05
C ARG A 820 -10.13 -20.97 23.70
N ASP A 821 -10.11 -20.64 22.40
CA ASP A 821 -9.82 -19.30 21.87
C ASP A 821 -8.42 -18.81 22.24
N SER A 822 -7.46 -19.73 22.26
CA SER A 822 -6.08 -19.37 22.58
C SER A 822 -5.39 -18.68 21.42
N ILE A 823 -5.75 -19.02 20.18
CA ILE A 823 -5.13 -18.38 19.03
C ILE A 823 -5.69 -16.98 18.88
N ALA A 824 -4.79 -16.00 18.77
CA ALA A 824 -5.17 -14.60 18.68
C ALA A 824 -4.71 -14.04 17.34
N VAL A 825 -5.49 -13.10 16.83
CA VAL A 825 -5.12 -12.29 15.68
C VAL A 825 -5.00 -10.86 16.17
N ALA A 826 -3.81 -10.28 16.04
CA ALA A 826 -3.52 -8.98 16.60
C ALA A 826 -2.79 -8.13 15.57
N ALA A 827 -2.75 -6.83 15.82
CA ALA A 827 -1.99 -5.90 15.01
C ALA A 827 -1.14 -5.03 15.92
N PRO A 828 0.06 -4.65 15.48
CA PRO A 828 0.88 -3.74 16.29
C PRO A 828 0.27 -2.35 16.33
N LEU A 829 0.47 -1.68 17.45
CA LEU A 829 -0.10 -0.37 17.67
C LEU A 829 0.89 0.70 17.25
N ARG A 830 0.38 1.75 16.63
CA ARG A 830 1.19 2.90 16.24
C ARG A 830 0.98 3.97 17.31
N LEU A 831 1.87 4.00 18.30
CA LEU A 831 1.72 4.90 19.43
C LEU A 831 2.55 6.16 19.32
N ARG A 832 3.57 6.17 18.46
CA ARG A 832 4.42 7.35 18.32
C ARG A 832 3.66 8.46 17.60
N PRO A 833 3.65 9.68 18.13
CA PRO A 833 2.91 10.78 17.50
C PRO A 833 3.68 11.43 16.36
N THR A 834 3.99 10.63 15.33
CA THR A 834 4.72 11.11 14.16
C THR A 834 3.91 10.77 12.92
N GLY A 835 4.08 11.61 11.90
CA GLY A 835 3.37 11.46 10.66
C GLY A 835 2.93 12.81 10.15
N ALA A 836 1.96 12.80 9.24
CA ALA A 836 1.42 14.04 8.71
C ALA A 836 0.60 14.75 9.77
N LEU A 837 0.96 16.00 10.05
CA LEU A 837 0.28 16.76 11.09
C LEU A 837 -1.08 17.25 10.62
N HIS A 838 -1.22 17.53 9.34
CA HIS A 838 -2.47 18.06 8.80
C HIS A 838 -2.57 17.59 7.35
N GLU A 839 -3.69 17.92 6.72
CA GLU A 839 -3.78 17.66 5.30
C GLU A 839 -2.94 18.69 4.53
N GLU A 840 -2.60 18.33 3.30
CA GLU A 840 -1.64 19.11 2.52
C GLU A 840 -2.27 20.29 1.80
N THR A 841 -3.59 20.36 1.73
CA THR A 841 -4.26 21.42 1.00
C THR A 841 -4.50 22.62 1.91
N LEU A 842 -3.89 23.75 1.58
CA LEU A 842 -4.20 25.01 2.23
C LEU A 842 -5.55 25.52 1.75
N ARG A 843 -6.29 26.16 2.66
CA ARG A 843 -7.64 26.64 2.35
C ARG A 843 -7.80 28.08 2.79
N ALA A 844 -8.70 28.78 2.09
CA ALA A 844 -8.93 30.19 2.36
C ALA A 844 -9.70 30.39 3.65
N PHE A 845 -9.28 31.40 4.42
CA PHE A 845 -9.99 31.76 5.64
C PHE A 845 -11.28 32.50 5.30
N SER A 846 -12.33 32.20 6.07
CA SER A 846 -13.57 32.96 6.04
C SER A 846 -13.50 34.11 7.05
N GLU A 847 -14.42 35.06 6.91
CA GLU A 847 -14.47 36.22 7.78
C GLU A 847 -15.88 36.40 8.32
N HIS A 848 -15.98 36.76 9.60
CA HIS A 848 -17.29 36.99 10.22
C HIS A 848 -17.25 38.26 11.04
N THR A 849 -18.38 38.97 11.07
CA THR A 849 -18.45 40.24 11.76
C THR A 849 -18.66 40.01 13.26
N VAL A 850 -17.95 40.79 14.08
CA VAL A 850 -18.04 40.68 15.54
C VAL A 850 -19.46 41.00 16.00
N GLY A 851 -20.03 42.08 15.48
CA GLY A 851 -21.35 42.51 15.90
C GLY A 851 -22.50 41.79 15.26
N ALA A 852 -22.24 40.85 14.35
CA ALA A 852 -23.29 40.09 13.71
C ALA A 852 -23.74 38.94 14.60
N ALA A 853 -24.75 38.21 14.14
CA ALA A 853 -25.24 37.04 14.88
C ALA A 853 -24.32 35.85 14.65
N TRP A 854 -23.98 35.16 15.74
CA TRP A 854 -23.09 34.01 15.70
C TRP A 854 -23.88 32.75 16.00
N LYS A 855 -23.76 31.77 15.10
CA LYS A 855 -24.28 30.43 15.27
C LYS A 855 -23.24 29.56 15.97
N GLY A 856 -23.62 28.32 16.26
CA GLY A 856 -22.69 27.41 16.91
C GLY A 856 -21.53 26.99 16.02
N ALA A 857 -21.83 26.75 14.74
CA ALA A 857 -20.77 26.37 13.80
C ALA A 857 -19.79 27.51 13.56
N GLU A 858 -20.29 28.75 13.47
CA GLU A 858 -19.43 29.90 13.28
C GLU A 858 -18.57 30.17 14.50
N LEU A 859 -19.10 29.90 15.70
CA LEU A 859 -18.27 29.98 16.91
C LEU A 859 -17.26 28.84 16.95
N ARG A 860 -17.61 27.67 16.41
CA ARG A 860 -16.68 26.56 16.35
C ARG A 860 -15.56 26.82 15.36
N ARG A 861 -15.80 27.65 14.34
CA ARG A 861 -14.80 27.84 13.31
C ARG A 861 -13.83 29.00 13.61
N ILE A 862 -13.89 29.61 14.80
CA ILE A 862 -13.06 30.77 15.11
C ILE A 862 -11.60 30.36 15.21
N VAL A 863 -10.75 31.05 14.45
CA VAL A 863 -9.39 30.61 14.21
C VAL A 863 -8.47 30.98 15.37
N GLU A 864 -8.48 32.24 15.79
CA GLU A 864 -7.54 32.69 16.81
C GLU A 864 -7.98 32.18 18.17
N PRO A 865 -7.09 31.55 18.94
CA PRO A 865 -7.51 30.95 20.22
C PRO A 865 -7.92 31.96 21.27
N GLU A 866 -7.34 33.16 21.26
CA GLU A 866 -7.74 34.19 22.23
C GLU A 866 -9.14 34.72 21.92
N VAL A 867 -9.43 34.94 20.63
CA VAL A 867 -10.77 35.36 20.22
C VAL A 867 -11.78 34.25 20.46
N TYR A 868 -11.35 32.99 20.25
CA TYR A 868 -12.20 31.84 20.54
C TYR A 868 -12.55 31.76 22.02
N ALA A 869 -11.56 31.98 22.90
CA ALA A 869 -11.82 31.96 24.34
C ALA A 869 -12.66 33.16 24.77
N ALA A 870 -12.49 34.31 24.13
CA ALA A 870 -13.30 35.48 24.46
C ALA A 870 -14.76 35.29 24.04
N PHE A 871 -14.99 34.72 22.86
CA PHE A 871 -16.36 34.41 22.46
C PHE A 871 -16.95 33.29 23.30
N LEU A 872 -16.11 32.36 23.77
CA LEU A 872 -16.56 31.31 24.67
C LEU A 872 -16.99 31.90 26.02
N ALA A 873 -16.23 32.87 26.53
CA ALA A 873 -16.63 33.56 27.75
C ALA A 873 -17.86 34.43 27.52
N LEU A 874 -18.06 34.89 26.28
CA LEU A 874 -19.27 35.64 25.95
C LEU A 874 -20.50 34.75 26.00
N THR A 875 -20.44 33.58 25.36
CA THR A 875 -21.60 32.69 25.36
C THR A 875 -21.77 31.95 26.69
N ASP A 876 -20.72 31.85 27.51
CA ASP A 876 -20.81 31.25 28.83
C ASP A 876 -19.71 31.82 29.72
N PRO A 877 -20.04 32.68 30.68
CA PRO A 877 -18.98 33.33 31.48
C PRO A 877 -18.24 32.41 32.42
N GLY A 878 -18.87 31.36 32.92
CA GLY A 878 -18.19 30.43 33.79
C GLY A 878 -17.64 29.21 33.08
N GLY A 879 -18.07 29.00 31.84
CA GLY A 879 -17.67 27.81 31.11
C GLY A 879 -16.25 27.88 30.59
N ARG A 880 -15.69 26.71 30.34
CA ARG A 880 -14.34 26.55 29.79
C ARG A 880 -14.34 25.97 28.38
N PHE A 881 -15.36 25.20 28.03
CA PHE A 881 -15.50 24.61 26.70
C PHE A 881 -16.71 25.20 26.00
N LEU A 882 -16.70 25.10 24.67
CA LEU A 882 -17.78 25.65 23.86
C LEU A 882 -18.90 24.63 23.77
N LYS A 883 -20.04 24.95 24.39
CA LYS A 883 -21.20 24.05 24.42
C LYS A 883 -22.23 24.58 23.42
N VAL A 884 -22.06 24.21 22.16
CA VAL A 884 -22.90 24.71 21.09
C VAL A 884 -23.44 23.55 20.26
N SER A 885 -24.68 23.66 19.83
CA SER A 885 -25.13 22.87 18.70
C SER A 885 -24.67 23.56 17.41
N PRO A 886 -24.33 22.78 16.38
CA PRO A 886 -23.87 23.39 15.11
C PRO A 886 -24.90 24.26 14.41
N SER A 887 -26.20 23.97 14.58
CA SER A 887 -27.24 24.68 13.86
C SER A 887 -27.95 25.73 14.69
N GLU A 888 -27.66 25.82 15.99
CA GLU A 888 -28.40 26.70 16.87
C GLU A 888 -27.88 28.13 16.77
N ASP A 889 -28.81 29.10 16.84
CA ASP A 889 -28.44 30.51 16.93
C ASP A 889 -28.00 30.75 18.37
N VAL A 890 -26.69 30.86 18.57
CA VAL A 890 -26.17 30.99 19.92
C VAL A 890 -26.31 32.40 20.43
N LEU A 891 -25.70 33.36 19.74
CA LEU A 891 -25.78 34.72 20.24
C LEU A 891 -26.14 35.68 19.12
N PRO A 892 -27.03 36.63 19.36
CA PRO A 892 -27.61 37.42 18.27
C PRO A 892 -26.72 38.59 17.87
N ALA A 893 -27.23 39.39 16.93
CA ALA A 893 -26.53 40.56 16.43
C ALA A 893 -26.62 41.69 17.45
N ASP A 894 -25.48 42.13 17.95
CA ASP A 894 -25.41 43.19 18.94
C ASP A 894 -24.46 44.27 18.43
N GLU A 895 -24.92 45.52 18.45
CA GLU A 895 -24.23 46.59 17.74
C GLU A 895 -23.14 47.25 18.56
N ASN A 896 -23.20 47.20 19.88
CA ASN A 896 -22.10 47.65 20.73
C ASN A 896 -21.31 46.49 21.31
N ARG A 897 -21.23 45.38 20.58
CA ARG A 897 -20.43 44.24 21.00
C ARG A 897 -18.94 44.54 20.85
N HIS A 898 -18.21 44.48 21.96
CA HIS A 898 -16.78 44.73 21.98
C HIS A 898 -16.09 43.54 22.60
N ILE A 899 -15.04 43.05 21.94
CA ILE A 899 -14.29 41.90 22.41
C ILE A 899 -12.95 42.38 22.96
N VAL A 900 -12.68 42.09 24.23
CA VAL A 900 -11.48 42.58 24.90
C VAL A 900 -10.44 41.47 24.85
N LEU A 901 -9.48 41.62 23.94
CA LEU A 901 -8.32 40.75 23.91
C LEU A 901 -7.31 41.21 24.95
N SER A 902 -6.25 40.41 25.13
CA SER A 902 -5.23 40.76 26.12
C SER A 902 -4.38 41.94 25.65
N ASP A 903 -4.22 42.11 24.35
CA ASP A 903 -3.45 43.21 23.80
C ASP A 903 -4.21 44.06 22.79
N ARG A 904 -5.45 43.73 22.47
CA ARG A 904 -6.22 44.43 21.45
C ARG A 904 -7.66 44.56 21.91
N VAL A 905 -8.42 45.40 21.20
CA VAL A 905 -9.85 45.51 21.39
C VAL A 905 -10.52 45.37 20.03
N LEU A 906 -11.44 44.41 19.91
CA LEU A 906 -12.16 44.18 18.67
C LEU A 906 -13.47 44.93 18.72
N GLY A 907 -13.65 45.86 17.78
CA GLY A 907 -14.89 46.58 17.63
C GLY A 907 -15.95 45.72 16.99
N PRO A 908 -17.20 46.19 17.05
CA PRO A 908 -18.30 45.43 16.43
C PRO A 908 -18.22 45.33 14.91
N ARG A 909 -17.51 46.23 14.24
CA ARG A 909 -17.37 46.16 12.79
C ARG A 909 -16.11 45.41 12.37
N ASP A 910 -15.33 44.90 13.32
CA ASP A 910 -14.12 44.16 12.99
C ASP A 910 -14.46 42.78 12.43
N ARG A 911 -13.48 42.18 11.79
CA ARG A 911 -13.67 40.89 11.12
C ARG A 911 -12.84 39.82 11.81
N VAL A 912 -13.48 38.69 12.12
CA VAL A 912 -12.86 37.57 12.80
C VAL A 912 -12.53 36.51 11.77
N LYS A 913 -11.28 36.04 11.80
CA LYS A 913 -10.85 34.93 10.98
C LYS A 913 -11.53 33.63 11.38
N LEU A 914 -12.09 32.92 10.41
CA LEU A 914 -12.81 31.67 10.61
C LEU A 914 -12.28 30.59 9.68
N PHE A 915 -12.28 29.36 10.18
CA PHE A 915 -11.95 28.21 9.36
C PHE A 915 -13.07 28.01 8.33
N PRO A 916 -12.74 27.57 7.11
CA PRO A 916 -13.75 27.57 6.03
C PRO A 916 -14.86 26.56 6.21
N ASP A 917 -14.60 25.46 6.91
CA ASP A 917 -15.60 24.41 7.10
C ASP A 917 -15.70 24.06 8.57
N ASP A 918 -16.86 23.51 8.93
CA ASP A 918 -17.15 23.14 10.32
C ASP A 918 -16.61 21.74 10.61
N ARG A 919 -15.27 21.66 10.63
CA ARG A 919 -14.55 20.45 10.95
C ARG A 919 -13.19 20.86 11.49
N GLY A 920 -12.44 19.87 11.97
CA GLY A 920 -11.13 20.09 12.56
C GLY A 920 -10.14 20.68 11.58
N SER A 921 -9.55 21.82 11.96
CA SER A 921 -8.63 22.54 11.10
C SER A 921 -7.64 23.30 11.96
N ILE A 922 -6.49 23.61 11.37
CA ILE A 922 -5.44 24.37 12.05
C ILE A 922 -4.87 25.42 11.10
N ARG A 923 -4.13 26.36 11.68
CA ARG A 923 -3.38 27.38 10.96
C ARG A 923 -2.02 26.81 10.56
N VAL A 924 -1.79 26.66 9.27
CA VAL A 924 -0.43 26.45 8.76
C VAL A 924 -0.18 27.45 7.63
N ARG A 925 0.89 28.24 7.80
CA ARG A 925 1.47 29.12 6.77
C ARG A 925 0.46 30.14 6.24
N GLY A 926 -0.25 30.78 7.17
CA GLY A 926 -1.21 31.79 6.78
C GLY A 926 -2.49 31.25 6.19
N GLY A 927 -2.69 29.93 6.22
CA GLY A 927 -3.89 29.33 5.69
C GLY A 927 -4.44 28.29 6.65
N ALA A 928 -5.54 27.69 6.23
CA ALA A 928 -6.23 26.67 7.00
C ALA A 928 -6.01 25.31 6.34
N ALA A 929 -5.70 24.32 7.16
CA ALA A 929 -5.63 22.95 6.68
C ALA A 929 -6.43 22.06 7.61
N TYR A 930 -7.11 21.06 7.03
CA TYR A 930 -7.85 20.12 7.86
C TYR A 930 -6.88 19.27 8.65
N ILE A 931 -7.37 18.75 9.78
CA ILE A 931 -6.56 17.81 10.54
C ILE A 931 -6.43 16.50 9.78
N ALA A 932 -5.37 15.77 10.09
CA ALA A 932 -5.12 14.47 9.48
C ALA A 932 -5.95 13.42 10.20
N SER A 933 -5.64 12.15 9.96
CA SER A 933 -6.31 11.07 10.67
C SER A 933 -6.00 11.12 12.16
N PHE A 934 -6.94 10.63 12.96
CA PHE A 934 -6.81 10.71 14.39
C PHE A 934 -5.74 9.76 14.88
N HIS A 935 -4.83 10.29 15.71
CA HIS A 935 -3.82 9.44 16.31
C HIS A 935 -4.43 8.52 17.35
N HIS A 936 -5.35 9.03 18.15
CA HIS A 936 -6.01 8.19 19.15
C HIS A 936 -7.34 8.82 19.55
N ALA A 937 -8.10 8.10 20.36
CA ALA A 937 -9.31 8.61 20.98
C ALA A 937 -9.21 8.38 22.48
N ARG A 938 -9.36 9.44 23.26
CA ARG A 938 -9.35 9.33 24.71
C ARG A 938 -10.77 8.98 25.17
N VAL A 939 -10.89 7.89 25.92
CA VAL A 939 -12.19 7.38 26.34
C VAL A 939 -12.57 8.05 27.66
N PHE A 940 -13.74 8.67 27.69
CA PHE A 940 -14.26 9.29 28.89
C PHE A 940 -15.51 8.54 29.34
N ARG A 941 -15.60 8.31 30.63
CA ARG A 941 -16.73 7.64 31.27
C ARG A 941 -17.29 8.54 32.35
N TRP A 942 -18.62 8.67 32.39
CA TRP A 942 -19.29 9.42 33.43
C TRP A 942 -20.63 8.75 33.73
N GLY A 943 -21.35 9.30 34.68
CA GLY A 943 -22.61 8.72 35.07
C GLY A 943 -22.46 7.76 36.23
N SER A 944 -23.53 6.99 36.45
CA SER A 944 -23.55 6.04 37.54
C SER A 944 -22.67 4.83 37.22
N SER A 945 -22.33 4.09 38.28
CA SER A 945 -21.47 2.93 38.15
C SER A 945 -22.17 1.72 37.53
N HIS A 946 -23.50 1.73 37.43
CA HIS A 946 -24.22 0.64 36.80
C HIS A 946 -24.74 0.96 35.40
N SER A 947 -24.95 2.24 35.09
CA SER A 947 -25.34 2.67 33.74
C SER A 947 -24.44 3.82 33.31
N PRO A 948 -23.19 3.55 32.96
CA PRO A 948 -22.28 4.64 32.61
C PRO A 948 -22.44 5.09 31.17
N SER A 949 -22.09 6.35 30.93
CA SER A 949 -22.09 6.95 29.61
C SER A 949 -20.65 7.12 29.16
N PHE A 950 -20.42 6.92 27.87
CA PHE A 950 -19.09 6.90 27.30
C PHE A 950 -19.02 7.85 26.11
N ALA A 951 -17.85 8.44 25.93
CA ALA A 951 -17.61 9.25 24.74
C ALA A 951 -16.12 9.28 24.44
N LEU A 952 -15.80 9.64 23.20
CA LEU A 952 -14.43 9.66 22.74
C LEU A 952 -14.00 11.10 22.45
N LEU A 953 -12.77 11.41 22.79
CA LEU A 953 -12.11 12.65 22.42
C LEU A 953 -11.10 12.28 21.37
N ARG A 954 -11.45 12.50 20.10
CA ARG A 954 -10.58 12.10 19.00
C ARG A 954 -9.45 13.11 18.85
N VAL A 955 -8.22 12.65 18.99
CA VAL A 955 -7.02 13.48 19.04
C VAL A 955 -6.18 13.12 17.82
N SER A 956 -6.10 14.06 16.89
CA SER A 956 -5.22 13.98 15.73
C SER A 956 -3.83 14.48 16.10
N LEU A 957 -2.90 14.40 15.15
CA LEU A 957 -1.57 14.95 15.36
C LEU A 957 -1.57 16.47 15.33
N ALA A 958 -2.57 17.10 14.72
CA ALA A 958 -2.66 18.55 14.72
C ALA A 958 -2.98 19.09 16.11
N ASP A 959 -3.80 18.37 16.88
CA ASP A 959 -4.09 18.78 18.26
C ASP A 959 -2.83 18.76 19.11
N LEU A 960 -2.00 17.74 18.93
CA LEU A 960 -0.74 17.66 19.65
C LEU A 960 0.26 18.69 19.14
N ALA A 961 0.18 19.03 17.85
CA ALA A 961 1.11 20.01 17.29
C ALA A 961 0.79 21.41 17.80
N VAL A 962 -0.49 21.79 17.79
CA VAL A 962 -0.85 23.13 18.25
C VAL A 962 -0.89 23.22 19.76
N ALA A 963 -0.94 22.09 20.47
CA ALA A 963 -0.90 22.12 21.93
C ALA A 963 0.52 22.09 22.46
N GLY A 964 1.52 22.01 21.60
CA GLY A 964 2.90 21.93 22.04
C GLY A 964 3.29 20.62 22.66
N LEU A 965 2.54 19.56 22.40
CA LEU A 965 2.79 18.24 22.99
C LEU A 965 3.70 17.37 22.15
N LEU A 966 4.18 17.86 21.01
CA LEU A 966 5.15 17.12 20.21
C LEU A 966 6.58 17.46 20.60
N ARG A 967 6.85 17.37 21.89
CA ARG A 967 8.16 17.59 22.48
C ARG A 967 8.52 16.38 23.33
N ASP A 968 9.69 16.43 23.95
CA ASP A 968 10.17 15.31 24.74
C ASP A 968 9.50 15.29 26.11
N GLY A 969 9.37 14.08 26.66
CA GLY A 969 8.78 13.89 27.97
C GLY A 969 7.30 14.19 28.06
N VAL A 970 6.53 13.83 27.05
CA VAL A 970 5.10 14.07 27.01
C VAL A 970 4.38 12.75 26.73
N ASP A 971 3.45 12.38 27.60
CA ASP A 971 2.53 11.28 27.33
C ASP A 971 1.36 11.83 26.51
N VAL A 972 1.35 11.51 25.22
CA VAL A 972 0.37 12.12 24.31
C VAL A 972 -1.04 11.60 24.50
N PHE A 973 -1.22 10.50 25.23
CA PHE A 973 -2.56 9.97 25.50
C PHE A 973 -3.19 10.57 26.74
N THR A 974 -2.43 11.27 27.58
CA THR A 974 -2.96 11.84 28.81
C THR A 974 -2.61 13.31 29.01
N ALA A 975 -1.80 13.91 28.15
CA ALA A 975 -1.47 15.32 28.28
C ALA A 975 -2.69 16.18 27.97
N GLU A 976 -2.84 17.25 28.73
CA GLU A 976 -4.06 18.06 28.65
C GLU A 976 -4.10 18.86 27.36
N LEU A 977 -5.24 18.79 26.68
CA LEU A 977 -5.46 19.54 25.46
C LEU A 977 -6.23 20.81 25.75
N PRO A 978 -5.80 21.95 25.23
CA PRO A 978 -6.54 23.19 25.43
C PRO A 978 -7.89 23.14 24.72
N PRO A 979 -8.88 23.92 25.19
CA PRO A 979 -10.23 23.87 24.59
C PRO A 979 -10.30 24.34 23.13
N TRP A 980 -9.34 25.12 22.64
CA TRP A 980 -9.40 25.63 21.29
C TRP A 980 -8.80 24.69 20.25
N THR A 981 -8.19 23.59 20.69
CA THR A 981 -7.74 22.56 19.77
C THR A 981 -8.94 21.89 19.11
N PRO A 982 -8.80 21.39 17.88
CA PRO A 982 -9.94 20.76 17.20
C PRO A 982 -10.51 19.52 17.91
N ALA A 983 -9.73 18.88 18.79
CA ALA A 983 -10.24 17.75 19.56
C ALA A 983 -11.36 18.16 20.50
N TRP A 984 -11.12 19.17 21.35
CA TRP A 984 -12.16 19.66 22.24
C TRP A 984 -13.16 20.56 21.52
N ARG A 985 -12.72 21.15 20.41
CA ARG A 985 -13.59 22.01 19.61
C ARG A 985 -14.69 21.18 18.94
N TYR A 986 -14.37 19.96 18.52
CA TYR A 986 -15.32 19.12 17.79
C TYR A 986 -15.63 17.83 18.54
N ALA A 987 -15.49 17.85 19.86
CA ALA A 987 -15.96 16.75 20.69
C ALA A 987 -17.49 16.79 20.77
N SER A 988 -18.06 15.66 21.20
CA SER A 988 -19.51 15.59 21.34
C SER A 988 -19.98 16.46 22.49
N ILE A 989 -21.21 16.97 22.36
CA ILE A 989 -21.72 17.96 23.30
C ILE A 989 -22.01 17.33 24.67
N ALA A 990 -22.38 16.05 24.70
CA ALA A 990 -22.55 15.36 25.98
C ALA A 990 -21.23 15.21 26.71
N LEU A 991 -20.17 14.87 25.96
CA LEU A 991 -18.83 14.79 26.54
C LEU A 991 -18.37 16.14 27.06
N VAL A 992 -18.62 17.20 26.29
CA VAL A 992 -18.20 18.54 26.67
C VAL A 992 -18.94 19.01 27.92
N LYS A 993 -20.25 18.76 27.99
CA LYS A 993 -21.04 19.12 29.17
C LYS A 993 -20.62 18.32 30.39
N ALA A 994 -20.30 17.04 30.22
CA ALA A 994 -19.88 16.22 31.34
C ALA A 994 -18.48 16.60 31.84
N VAL A 995 -17.59 17.03 30.94
CA VAL A 995 -16.27 17.47 31.38
C VAL A 995 -16.37 18.83 32.09
N GLU A 996 -17.27 19.70 31.61
CA GLU A 996 -17.58 20.93 32.34
C GLU A 996 -18.15 20.66 33.72
N SER A 997 -19.02 19.66 33.85
CA SER A 997 -19.58 19.33 35.16
C SER A 997 -18.60 18.57 36.04
N GLY A 998 -17.46 18.14 35.50
CA GLY A 998 -16.49 17.35 36.24
C GLY A 998 -16.81 15.88 36.35
N ASP A 999 -17.91 15.43 35.76
CA ASP A 999 -18.32 14.04 35.90
C ASP A 999 -17.48 13.10 35.02
N ALA A 1000 -17.00 13.59 33.88
CA ALA A 1000 -16.29 12.75 32.93
C ALA A 1000 -14.79 12.78 33.19
N LYS A 1001 -14.20 11.61 33.34
CA LYS A 1001 -12.76 11.45 33.51
C LYS A 1001 -12.24 10.45 32.49
N GLN A 1002 -11.01 10.66 32.05
CA GLN A 1002 -10.42 9.78 31.04
C GLN A 1002 -10.05 8.45 31.66
N VAL A 1003 -10.67 7.38 31.18
CA VAL A 1003 -10.43 6.04 31.72
C VAL A 1003 -9.51 5.21 30.84
N GLY A 1004 -9.19 5.68 29.63
CA GLY A 1004 -8.29 4.93 28.78
C GLY A 1004 -8.12 5.65 27.46
N TRP A 1005 -7.39 5.00 26.57
CA TRP A 1005 -7.19 5.53 25.22
C TRP A 1005 -7.29 4.38 24.23
N LEU A 1006 -7.82 4.69 23.06
CA LEU A 1006 -7.96 3.74 21.97
C LEU A 1006 -7.15 4.23 20.79
N VAL A 1007 -6.36 3.35 20.20
CA VAL A 1007 -5.67 3.68 18.95
C VAL A 1007 -6.27 2.81 17.86
N PRO A 1008 -6.14 3.18 16.58
CA PRO A 1008 -6.49 2.24 15.51
C PRO A 1008 -5.64 0.99 15.58
N GLY A 1009 -6.31 -0.16 15.56
CA GLY A 1009 -5.65 -1.43 15.74
C GLY A 1009 -5.81 -2.04 17.11
N ASP A 1010 -6.45 -1.34 18.05
CA ASP A 1010 -6.85 -1.98 19.29
C ASP A 1010 -7.94 -3.01 19.06
N GLU A 1011 -7.85 -4.09 19.83
CA GLU A 1011 -8.76 -5.21 19.75
C GLU A 1011 -9.78 -5.10 20.87
N LEU A 1012 -11.05 -5.14 20.51
CA LEU A 1012 -12.16 -5.15 21.46
C LEU A 1012 -12.63 -6.60 21.56
N ASP A 1013 -12.43 -7.21 22.72
CA ASP A 1013 -12.96 -8.52 23.03
C ASP A 1013 -14.31 -8.32 23.70
N PHE A 1014 -15.37 -8.80 23.06
CA PHE A 1014 -16.72 -8.68 23.59
C PHE A 1014 -17.06 -9.81 24.55
N GLY A 1015 -16.16 -10.78 24.73
CA GLY A 1015 -16.38 -11.88 25.63
C GLY A 1015 -17.29 -12.94 25.05
N PRO A 1016 -17.63 -13.95 25.85
CA PRO A 1016 -18.59 -14.96 25.39
C PRO A 1016 -20.00 -14.43 25.19
N GLU A 1017 -20.34 -13.27 25.77
CA GLU A 1017 -21.64 -12.66 25.50
C GLU A 1017 -21.72 -12.14 24.07
N GLY A 1018 -20.61 -11.68 23.52
CA GLY A 1018 -20.61 -11.18 22.15
C GLY A 1018 -21.27 -9.81 22.06
N VAL A 1019 -21.66 -9.48 20.84
CA VAL A 1019 -22.36 -8.22 20.56
C VAL A 1019 -23.84 -8.42 20.79
N THR A 1020 -24.41 -7.66 21.72
CA THR A 1020 -25.83 -7.72 22.02
C THR A 1020 -26.59 -6.47 21.55
N THR A 1021 -25.90 -5.51 20.93
CA THR A 1021 -26.53 -4.30 20.42
C THR A 1021 -26.56 -4.28 18.89
N ALA A 1022 -26.70 -5.44 18.27
CA ALA A 1022 -26.75 -5.51 16.82
C ALA A 1022 -28.09 -5.02 16.30
N ALA A 1023 -28.07 -4.50 15.07
CA ALA A 1023 -29.27 -3.94 14.46
C ALA A 1023 -29.14 -4.01 12.95
N GLY A 1024 -30.00 -4.81 12.31
CA GLY A 1024 -30.06 -4.85 10.86
C GLY A 1024 -28.97 -5.64 10.19
N ASP A 1025 -28.09 -4.94 9.48
CA ASP A 1025 -27.03 -5.60 8.73
C ASP A 1025 -26.01 -6.26 9.65
N LEU A 1026 -25.74 -5.64 10.80
CA LEU A 1026 -24.87 -6.28 11.78
C LEU A 1026 -25.52 -7.51 12.40
N SER A 1027 -26.85 -7.48 12.59
CA SER A 1027 -27.56 -8.67 13.07
C SER A 1027 -27.48 -9.81 12.07
N MET A 1028 -27.67 -9.50 10.78
CA MET A 1028 -27.58 -10.52 9.75
C MET A 1028 -26.16 -11.01 9.57
N PHE A 1029 -25.16 -10.15 9.84
CA PHE A 1029 -23.77 -10.57 9.77
C PHE A 1029 -23.42 -11.48 10.93
N LEU A 1030 -23.83 -11.11 12.15
CA LEU A 1030 -23.52 -11.89 13.35
C LEU A 1030 -24.33 -13.16 13.46
N LYS A 1031 -25.40 -13.31 12.67
CA LYS A 1031 -26.10 -14.60 12.60
C LYS A 1031 -25.18 -15.69 12.05
N TYR A 1032 -24.40 -15.37 11.02
CA TYR A 1032 -23.49 -16.33 10.41
C TYR A 1032 -22.06 -16.24 10.91
N PHE A 1033 -21.63 -15.07 11.37
CA PHE A 1033 -20.26 -14.84 11.83
C PHE A 1033 -20.33 -14.25 13.23
N PRO A 1034 -20.45 -15.09 14.26
CA PRO A 1034 -20.50 -14.57 15.64
C PRO A 1034 -19.14 -14.06 16.11
N GLU A 1035 -18.72 -12.90 15.59
CA GLU A 1035 -17.39 -12.39 15.84
C GLU A 1035 -17.33 -11.78 17.24
N ARG A 1036 -16.39 -12.27 18.04
CA ARG A 1036 -16.19 -11.81 19.41
C ARG A 1036 -15.15 -10.70 19.48
N HIS A 1037 -14.14 -10.75 18.61
CA HIS A 1037 -13.03 -9.80 18.60
C HIS A 1037 -13.18 -8.84 17.42
N TRP A 1038 -13.04 -7.55 17.69
CA TRP A 1038 -13.18 -6.52 16.68
C TRP A 1038 -11.99 -5.58 16.73
N VAL A 1039 -11.54 -5.09 15.58
CA VAL A 1039 -10.38 -4.22 15.50
C VAL A 1039 -10.85 -2.79 15.25
N VAL A 1040 -10.36 -1.86 16.08
CA VAL A 1040 -10.62 -0.43 15.88
C VAL A 1040 -9.89 0.02 14.62
N THR A 1041 -10.64 0.60 13.67
CA THR A 1041 -10.03 1.13 12.46
C THR A 1041 -10.08 2.64 12.34
N GLY A 1042 -11.00 3.30 13.02
CA GLY A 1042 -11.11 4.73 12.91
C GLY A 1042 -12.23 5.26 13.78
N PHE A 1043 -12.42 6.58 13.72
CA PHE A 1043 -13.43 7.26 14.54
C PHE A 1043 -14.11 8.27 13.60
N GLU A 1044 -15.16 7.83 12.90
CA GLU A 1044 -15.65 8.56 11.74
C GLU A 1044 -16.52 9.76 12.07
N ASP A 1045 -17.05 9.85 13.29
CA ASP A 1045 -17.51 11.13 13.81
C ASP A 1045 -17.38 11.12 15.33
N ASP A 1046 -17.96 12.14 15.96
CA ASP A 1046 -17.75 12.41 17.38
C ASP A 1046 -18.41 11.41 18.31
N LYS A 1047 -19.32 10.57 17.81
CA LYS A 1047 -20.00 9.59 18.65
C LYS A 1047 -19.79 8.16 18.18
N ARG A 1048 -18.80 7.90 17.32
CA ARG A 1048 -18.75 6.64 16.60
C ARG A 1048 -17.33 6.13 16.49
N ILE A 1049 -17.21 4.81 16.52
CA ILE A 1049 -15.95 4.09 16.33
C ILE A 1049 -16.18 3.01 15.26
N ASN A 1050 -15.25 2.91 14.32
CA ASN A 1050 -15.39 1.95 13.23
C ASN A 1050 -14.70 0.65 13.61
N LEU A 1051 -15.45 -0.45 13.61
CA LEU A 1051 -14.94 -1.74 14.04
C LEU A 1051 -15.06 -2.74 12.91
N LYS A 1052 -13.95 -3.42 12.59
CA LYS A 1052 -13.90 -4.53 11.66
C LYS A 1052 -13.65 -5.82 12.44
N PRO A 1053 -14.11 -6.98 11.95
CA PRO A 1053 -13.84 -8.23 12.68
C PRO A 1053 -12.37 -8.61 12.63
N ALA A 1054 -11.86 -9.03 13.79
CA ALA A 1054 -10.43 -9.33 13.91
C ALA A 1054 -10.06 -10.59 13.15
N PHE A 1055 -10.87 -11.64 13.25
CA PHE A 1055 -10.52 -12.93 12.70
C PHE A 1055 -10.83 -13.05 11.21
N LEU A 1056 -11.59 -12.13 10.64
CA LEU A 1056 -12.02 -12.23 9.25
C LEU A 1056 -11.10 -11.41 8.36
N SER A 1057 -10.70 -11.99 7.23
CA SER A 1057 -9.71 -11.40 6.35
C SER A 1057 -10.28 -10.23 5.56
N ALA A 1058 -9.36 -9.47 4.97
CA ALA A 1058 -9.70 -8.32 4.13
C ALA A 1058 -9.66 -8.62 2.64
N GLU A 1059 -8.58 -9.25 2.17
CA GLU A 1059 -8.46 -9.55 0.75
C GLU A 1059 -9.45 -10.62 0.32
N GLN A 1060 -9.82 -11.51 1.25
CA GLN A 1060 -10.79 -12.55 0.94
C GLN A 1060 -12.17 -11.97 0.65
N ALA A 1061 -12.63 -11.04 1.49
CA ALA A 1061 -13.92 -10.42 1.23
C ALA A 1061 -13.88 -9.45 0.06
N GLU A 1062 -12.72 -8.80 -0.18
CA GLU A 1062 -12.60 -7.92 -1.35
C GLU A 1062 -12.67 -8.71 -2.67
N VAL A 1063 -11.87 -9.78 -2.79
CA VAL A 1063 -11.95 -10.56 -4.01
C VAL A 1063 -13.24 -11.36 -4.06
N LEU A 1064 -13.90 -11.60 -2.93
CA LEU A 1064 -15.21 -12.24 -2.91
C LEU A 1064 -16.26 -11.30 -3.50
N ARG A 1065 -16.14 -9.99 -3.23
CA ARG A 1065 -16.98 -9.00 -3.91
C ARG A 1065 -16.76 -9.10 -5.41
N THR A 1066 -15.49 -9.21 -5.83
CA THR A 1066 -15.23 -9.35 -7.27
C THR A 1066 -15.87 -10.62 -7.86
N GLU A 1067 -15.76 -11.79 -7.16
CA GLU A 1067 -16.46 -12.97 -7.69
C GLU A 1067 -17.98 -12.78 -7.75
N ARG A 1068 -18.62 -12.13 -6.74
CA ARG A 1068 -20.07 -11.96 -6.88
C ARG A 1068 -20.37 -11.06 -8.09
N SER A 1069 -19.56 -10.01 -8.31
CA SER A 1069 -19.81 -9.09 -9.42
C SER A 1069 -19.74 -9.82 -10.76
N ASP A 1070 -18.64 -10.55 -11.00
CA ASP A 1070 -18.48 -11.24 -12.28
C ASP A 1070 -19.37 -12.48 -12.39
N ARG A 1071 -19.44 -13.30 -11.35
CA ARG A 1071 -20.17 -14.56 -11.35
C ARG A 1071 -21.42 -14.49 -10.46
N PRO A 1072 -22.62 -14.63 -11.00
CA PRO A 1072 -23.81 -14.64 -10.15
C PRO A 1072 -24.08 -16.03 -9.58
N ASP A 1073 -24.80 -16.04 -8.45
CA ASP A 1073 -25.26 -17.23 -7.72
C ASP A 1073 -24.12 -18.16 -7.25
N THR A 1074 -22.90 -17.67 -7.10
CA THR A 1074 -21.79 -18.52 -6.69
C THR A 1074 -21.52 -18.45 -5.19
N LEU A 1075 -22.19 -17.56 -4.46
CA LEU A 1075 -21.96 -17.35 -3.05
C LEU A 1075 -23.18 -17.71 -2.20
N THR A 1076 -22.94 -18.39 -1.08
CA THR A 1076 -23.99 -18.67 -0.11
C THR A 1076 -24.44 -17.37 0.54
N GLU A 1077 -25.61 -17.44 1.20
CA GLU A 1077 -26.20 -16.30 1.91
C GLU A 1077 -25.19 -15.62 2.84
N ALA A 1078 -24.42 -16.42 3.60
CA ALA A 1078 -23.37 -15.89 4.46
C ALA A 1078 -22.31 -15.15 3.65
N GLY A 1079 -21.93 -15.72 2.50
CA GLY A 1079 -20.97 -15.05 1.62
C GLY A 1079 -21.47 -13.72 1.11
N GLU A 1080 -22.76 -13.67 0.71
CA GLU A 1080 -23.38 -12.43 0.23
C GLU A 1080 -23.36 -11.36 1.32
N ILE A 1081 -23.75 -11.73 2.54
CA ILE A 1081 -23.71 -10.80 3.67
C ILE A 1081 -22.29 -10.33 3.94
N LEU A 1082 -21.32 -11.24 3.90
CA LEU A 1082 -19.91 -10.89 4.09
C LEU A 1082 -19.45 -9.87 3.07
N ALA A 1083 -19.81 -10.10 1.80
CA ALA A 1083 -19.45 -9.18 0.71
C ALA A 1083 -20.09 -7.82 0.91
N GLN A 1084 -21.38 -7.78 1.23
CA GLN A 1084 -22.09 -6.52 1.38
C GLN A 1084 -21.79 -5.83 2.72
N PHE A 1085 -21.07 -6.49 3.62
CA PHE A 1085 -20.79 -5.95 4.95
C PHE A 1085 -19.36 -5.48 5.14
N PHE A 1086 -18.37 -6.22 4.64
CA PHE A 1086 -16.98 -5.91 4.95
C PHE A 1086 -16.44 -4.51 4.55
N PRO A 1087 -16.85 -3.84 3.43
CA PRO A 1087 -16.27 -2.51 3.12
C PRO A 1087 -16.33 -1.48 4.26
N ARG A 1088 -17.49 -1.28 4.86
CA ARG A 1088 -17.62 -0.32 5.95
C ARG A 1088 -17.65 -0.97 7.32
N CYS A 1089 -17.96 -2.27 7.38
CA CYS A 1089 -18.01 -3.12 8.58
C CYS A 1089 -18.99 -2.52 9.60
N TRP A 1090 -18.58 -2.31 10.84
CA TRP A 1090 -19.45 -1.90 11.93
C TRP A 1090 -19.16 -0.44 12.27
N ARG A 1091 -19.79 0.46 11.53
CA ARG A 1091 -19.74 1.88 11.87
C ARG A 1091 -20.57 2.05 13.12
N ALA A 1092 -19.94 1.95 14.29
CA ALA A 1092 -20.61 1.66 15.54
C ALA A 1092 -20.74 2.88 16.43
N THR A 1093 -21.91 3.05 17.03
CA THR A 1093 -22.09 4.07 18.05
C THR A 1093 -21.27 3.68 19.29
N VAL A 1094 -20.54 4.66 19.84
CA VAL A 1094 -19.68 4.43 21.00
C VAL A 1094 -20.52 4.05 22.22
N ALA A 1095 -21.69 4.69 22.37
CA ALA A 1095 -22.59 4.41 23.48
C ALA A 1095 -23.19 3.01 23.42
N LYS A 1096 -23.25 2.40 22.24
CA LYS A 1096 -23.74 1.03 22.10
C LYS A 1096 -22.63 -0.01 22.07
N VAL A 1097 -21.37 0.42 22.08
CA VAL A 1097 -20.24 -0.51 22.12
C VAL A 1097 -19.63 -0.58 23.51
N LEU A 1098 -19.34 0.58 24.11
CA LEU A 1098 -18.71 0.57 25.42
C LEU A 1098 -19.67 0.30 26.56
N CYS A 1099 -20.97 0.21 26.28
CA CYS A 1099 -21.95 -0.16 27.29
C CYS A 1099 -22.02 -1.66 27.53
N HIS A 1100 -21.27 -2.45 26.78
CA HIS A 1100 -21.23 -3.89 27.01
C HIS A 1100 -20.51 -4.18 28.32
N PRO A 1101 -21.14 -4.88 29.27
CA PRO A 1101 -20.39 -5.39 30.42
C PRO A 1101 -19.49 -6.53 29.97
N GLY A 1102 -18.29 -6.57 30.52
CA GLY A 1102 -17.34 -7.59 30.14
C GLY A 1102 -16.57 -7.32 28.88
N LEU A 1103 -16.78 -6.18 28.24
CA LEU A 1103 -15.95 -5.78 27.10
C LEU A 1103 -14.56 -5.44 27.62
N THR A 1104 -13.54 -5.97 26.96
CA THR A 1104 -12.15 -5.68 27.30
C THR A 1104 -11.44 -5.13 26.08
N VAL A 1105 -10.63 -4.10 26.29
CA VAL A 1105 -9.73 -3.61 25.25
C VAL A 1105 -8.42 -4.38 25.43
N ILE A 1106 -8.13 -5.31 24.53
CA ILE A 1106 -7.06 -6.26 24.71
C ILE A 1106 -5.79 -5.74 24.04
N ARG A 1107 -4.73 -5.58 24.84
CA ARG A 1107 -3.40 -5.24 24.33
C ARG A 1107 -2.53 -6.49 24.49
N ARG A 1108 -2.26 -7.15 23.38
CA ARG A 1108 -1.54 -8.43 23.43
C ARG A 1108 -0.06 -8.21 23.70
N THR A 1109 0.56 -9.23 24.29
CA THR A 1109 2.01 -9.35 24.26
C THR A 1109 2.43 -9.91 22.90
N ALA A 1110 3.73 -10.13 22.72
CA ALA A 1110 4.22 -10.66 21.46
C ALA A 1110 3.79 -12.11 21.24
N LEU A 1111 3.56 -12.85 22.31
CA LEU A 1111 3.11 -14.24 22.21
C LEU A 1111 1.61 -14.35 22.00
N GLY A 1112 0.89 -13.25 21.87
CA GLY A 1112 -0.54 -13.27 21.63
C GLY A 1112 -1.39 -13.36 22.87
N GLN A 1113 -0.82 -13.18 24.05
CA GLN A 1113 -1.47 -13.21 25.35
C GLN A 1113 -1.81 -11.79 25.78
N PRO A 1114 -3.00 -11.57 26.35
CA PRO A 1114 -3.40 -10.20 26.72
C PRO A 1114 -2.61 -9.70 27.92
N ARG A 1115 -1.99 -8.53 27.78
CA ARG A 1115 -1.20 -7.93 28.83
C ARG A 1115 -2.13 -7.35 29.89
N TRP A 1116 -2.16 -7.97 31.07
CA TRP A 1116 -3.10 -7.56 32.11
C TRP A 1116 -2.44 -6.89 33.31
N ARG A 1117 -1.13 -7.06 33.49
CA ARG A 1117 -0.43 -6.44 34.60
C ARG A 1117 0.01 -5.04 34.21
N ARG A 1118 -0.17 -4.10 35.13
CA ARG A 1118 0.18 -2.71 34.89
C ARG A 1118 1.70 -2.56 34.89
N GLY A 1119 2.25 -2.27 33.72
CA GLY A 1119 3.67 -2.03 33.59
C GLY A 1119 3.94 -0.82 32.73
N HIS A 1120 5.11 -0.77 32.12
CA HIS A 1120 5.48 0.33 31.23
C HIS A 1120 5.22 -0.01 29.77
N LEU A 1121 4.31 -0.94 29.52
CA LEU A 1121 3.83 -1.35 28.22
C LEU A 1121 2.31 -1.26 28.25
N PRO A 1122 1.64 -1.11 27.11
CA PRO A 1122 0.17 -0.96 27.13
C PRO A 1122 -0.52 -2.22 27.60
N TYR A 1123 -1.44 -2.05 28.55
CA TYR A 1123 -2.09 -3.17 29.22
C TYR A 1123 -3.55 -3.24 28.79
N SER A 1124 -4.13 -4.42 28.97
CA SER A 1124 -5.55 -4.58 28.72
C SER A 1124 -6.37 -3.90 29.80
N TRP A 1125 -7.54 -3.39 29.41
CA TRP A 1125 -8.38 -2.66 30.34
C TRP A 1125 -9.85 -2.84 29.97
N ARG A 1126 -10.70 -2.68 30.96
CA ARG A 1126 -12.15 -2.81 30.81
C ARG A 1126 -12.78 -1.44 30.92
N PRO A 1127 -13.48 -0.95 29.88
CA PRO A 1127 -14.06 0.40 29.95
C PRO A 1127 -15.08 0.63 31.07
N TRP A 1128 -15.74 -0.44 31.54
CA TRP A 1128 -16.65 -0.28 32.67
C TRP A 1128 -15.90 -0.11 33.99
N SER A 1129 -14.74 -0.75 34.13
CA SER A 1129 -14.03 -0.80 35.40
C SER A 1129 -12.62 -0.20 35.31
N ALA A 1130 -12.34 0.62 34.31
CA ALA A 1130 -11.04 1.27 34.22
C ALA A 1130 -10.99 2.45 35.17
N ASP A 1131 -9.98 2.46 36.04
CA ASP A 1131 -9.82 3.62 36.90
C ASP A 1131 -9.23 4.79 36.10
N PRO A 1132 -9.64 6.01 36.39
CA PRO A 1132 -9.10 7.18 35.68
C PRO A 1132 -7.63 7.41 35.98
N TRP A 1133 -6.96 8.06 35.03
CA TRP A 1133 -5.53 8.31 35.12
C TRP A 1133 -5.22 9.32 36.23
N SER A 1134 -4.03 9.16 36.82
CA SER A 1134 -3.49 9.98 37.91
C SER A 1134 -4.42 10.03 39.13
MG MG F . -0.47 -17.97 5.96
MG MG G . 5.22 31.92 -11.56
MG MG H . 8.15 32.01 -9.21
MG MG I . 13.25 25.73 -12.14
MG MG J . 9.99 26.50 5.88
#